data_6ZHT
#
_entry.id   6ZHT
#
_cell.length_a   181.390
_cell.length_b   58.270
_cell.length_c   137.460
_cell.angle_alpha   90.000
_cell.angle_beta   109.720
_cell.angle_gamma   90.000
#
_symmetry.space_group_name_H-M   'C 1 2 1'
#
loop_
_entity.id
_entity.type
_entity.pdbx_description
1 polymer 'Ubiquitin-activating enzyme E1 1'
2 polymer 'Ubiquitin-conjugating enzyme E2 13'
3 non-polymer GLYCEROL
4 non-polymer 'CHLORIDE ION'
5 water water
#
loop_
_entity_poly.entity_id
_entity_poly.type
_entity_poly.pdbx_seq_one_letter_code
_entity_poly.pdbx_strand_id
1 'polypeptide(L)'
;AVLGKEAMLKMQTSNVLILGLKGLGVEIAKNVVLAGVKSMTVFDPEPVQLADLSTQFFLTEKDIGQKRGDVTRAKLAELN
AYVPVNVLDSLDDVTQLSQFQVVVATDTVSLEDKVKINEFCHSSGIRFISSETRGLFGNTFVDLGDEFTVLDPTGEEPRT
GMVSDIEPDGTVTMLDDNRHGLEDGNFVRFSEVEGLDKLNDGTLFKVEVLGPFAFRIGSVKEYGEYKKGGIFTEVKVPRK
ISFKSLKQQLSNPEFVFSDFAKFDRAAQLHLGFQALHQFAVRHNGELPRTMNDEDANELIKLVTDLSVQQPEVLGEGVDV
NEDLIKELSYQARGDIPGVVAFFGGLVAQEVLKACSGKFTPLKQFMYFDSLESLPDPKNFPRNEKTTQPVNSRYDNQIAV
FGLDFQKKIANSKVFLVGSGAIGCEMLKNWALLGLGSGSDGYIVVTDNDSIEKSNANRQFLFRPKDVGKNKSEVAAEAVC
AMNPDLKGKINAKIDKVGPETEEIFNDSFWESLDFVTNALDNVDARTYVDRRCVFYRKPLLESGTLGTKGNTQVIIPRLT
ESYSSSRDPPEKSIPLCTLRSFPNKIDHTIAWAKSLFQGYFTDSAENVNMYLTQPNFVEQTLKQSGDVKGVLESISDSLS
SKPHNFEDCIKWARLEFEKKFNHDIKQLLFNFPKDAKTSNGEPFWSGAKRAPTPLEFDIYNNDHFHFVVAGASLRAYNYG
IKSDDSNSKPNVDEYKSVIDHMIIPEFTPNANLKIQVNDDDPDPNANAANGSDEIDQLVSSLPDPSTLAGFKLEPVDFEK
DDDTNHHIEFITACSNCRAQNYFIETADRQKTKFIAGRIIPAIATTTSLVTGLVNLELYKLIDNKTDIEQYKNGFVNLAL
PFFGFSEPIASPKGEYNNKKYDKIWDRFDIKGDIKLSDLIEHFEKDEGLEITMLSYGVSLLYASFFPPKKLKERLNLPIT
QLVKLVTKKDIPAHVSTMILEICADDKEGEDVEVPFITIHL
;
C
2 'polypeptide(L)'
;GMASLPKRIIKETEKLVSDPVPGITAEPHDDNLRYFQVTIEGPEQSPYEDGIFELELYLPDDYPMEAPKVRFLTKIYHPN
IDRLGRICLDVLKTNWSPALQIRTVLLSIQALLASPNPNDPLANDVAEDWIKNEQGAKAKAREWTKLYAKKKP
;
B
#
loop_
_chem_comp.id
_chem_comp.type
_chem_comp.name
_chem_comp.formula
CL non-polymer 'CHLORIDE ION' 'Cl -1'
GOL non-polymer GLYCEROL 'C3 H8 O3'
#
# COMPACT_ATOMS: atom_id res chain seq x y z
N ALA A 1 14.70 -4.72 -4.04
CA ALA A 1 15.19 -6.07 -3.77
C ALA A 1 15.02 -6.40 -2.28
N VAL A 2 16.13 -6.46 -1.55
CA VAL A 2 16.08 -6.71 -0.11
C VAL A 2 15.75 -5.39 0.59
N LEU A 3 15.83 -5.38 1.93
CA LEU A 3 15.58 -4.15 2.66
C LEU A 3 16.83 -3.26 2.70
N GLY A 4 17.98 -3.85 3.02
CA GLY A 4 19.23 -3.11 3.02
C GLY A 4 20.42 -3.95 3.44
N LYS A 5 21.39 -4.13 2.54
CA LYS A 5 22.48 -5.07 2.78
C LYS A 5 23.73 -4.62 2.04
N GLU A 6 24.74 -5.51 1.99
CA GLU A 6 26.06 -5.26 1.41
C GLU A 6 26.83 -4.28 2.29
N ALA A 7 27.20 -3.11 1.75
CA ALA A 7 27.90 -2.13 2.57
C ALA A 7 27.02 -1.56 3.67
N MET A 8 25.71 -1.75 3.56
CA MET A 8 24.75 -1.25 4.55
C MET A 8 24.28 -2.35 5.50
N LEU A 9 25.06 -3.42 5.63
CA LEU A 9 24.79 -4.47 6.62
C LEU A 9 25.71 -4.31 7.83
N LYS A 10 25.96 -3.07 8.23
CA LYS A 10 26.79 -2.78 9.40
C LYS A 10 26.05 -2.99 10.71
N MET A 11 24.76 -3.33 10.66
CA MET A 11 24.00 -3.56 11.89
C MET A 11 24.50 -4.79 12.64
N GLN A 12 25.21 -5.68 11.96
CA GLN A 12 25.84 -6.83 12.60
C GLN A 12 27.24 -6.49 13.10
N THR A 13 27.65 -5.23 12.99
CA THR A 13 28.71 -4.69 13.83
C THR A 13 28.17 -4.26 15.18
N SER A 14 26.89 -3.90 15.23
CA SER A 14 26.40 -2.85 16.10
C SER A 14 25.73 -3.42 17.33
N ASN A 15 26.33 -3.16 18.48
CA ASN A 15 25.71 -3.45 19.77
C ASN A 15 25.11 -2.18 20.33
N VAL A 16 23.85 -2.28 20.76
CA VAL A 16 23.08 -1.15 21.25
C VAL A 16 22.90 -1.31 22.75
N LEU A 17 23.06 -0.21 23.48
CA LEU A 17 22.74 -0.15 24.89
C LEU A 17 21.66 0.89 25.10
N ILE A 18 20.65 0.54 25.91
CA ILE A 18 19.55 1.43 26.24
C ILE A 18 19.55 1.62 27.75
N LEU A 19 19.63 2.87 28.19
CA LEU A 19 19.63 3.23 29.60
C LEU A 19 18.25 3.76 29.95
N GLY A 20 17.62 3.15 30.95
CA GLY A 20 16.27 3.52 31.32
C GLY A 20 15.26 2.65 30.61
N LEU A 21 14.42 1.95 31.37
CA LEU A 21 13.50 0.97 30.80
C LEU A 21 12.09 1.19 31.31
N LYS A 22 11.65 2.44 31.32
CA LYS A 22 10.23 2.75 31.50
C LYS A 22 9.57 2.59 30.14
N GLY A 23 8.44 3.26 29.92
CA GLY A 23 7.72 3.06 28.67
C GLY A 23 8.54 3.47 27.45
N LEU A 24 9.23 4.61 27.54
CA LEU A 24 10.04 5.07 26.40
C LEU A 24 11.12 4.05 26.08
N GLY A 25 11.84 3.59 27.10
CA GLY A 25 12.91 2.63 26.89
C GLY A 25 12.44 1.34 26.26
N VAL A 26 11.31 0.80 26.75
CA VAL A 26 10.81 -0.46 26.19
C VAL A 26 10.32 -0.26 24.77
N GLU A 27 9.57 0.81 24.51
CA GLU A 27 9.10 1.04 23.14
C GLU A 27 10.28 1.07 22.18
N ILE A 28 11.32 1.82 22.53
CA ILE A 28 12.52 1.87 21.70
C ILE A 28 13.13 0.49 21.56
N ALA A 29 13.34 -0.20 22.68
CA ALA A 29 14.05 -1.47 22.66
C ALA A 29 13.27 -2.51 21.85
N LYS A 30 11.96 -2.58 22.07
CA LYS A 30 11.11 -3.48 21.31
C LYS A 30 11.29 -3.24 19.82
N ASN A 31 11.18 -1.98 19.38
CA ASN A 31 11.29 -1.70 17.95
C ASN A 31 12.65 -2.15 17.41
N VAL A 32 13.72 -1.76 18.10
CA VAL A 32 15.06 -2.15 17.67
C VAL A 32 15.15 -3.67 17.56
N VAL A 33 14.78 -4.37 18.64
CA VAL A 33 14.92 -5.81 18.69
C VAL A 33 14.17 -6.47 17.55
N LEU A 34 12.89 -6.12 17.39
CA LEU A 34 12.12 -6.65 16.27
C LEU A 34 12.85 -6.43 14.95
N ALA A 35 13.44 -5.25 14.76
CA ALA A 35 14.15 -4.97 13.52
C ALA A 35 15.31 -5.95 13.33
N GLY A 36 16.12 -6.15 14.36
CA GLY A 36 17.29 -7.00 14.26
C GLY A 36 18.58 -6.22 14.43
N VAL A 37 19.45 -6.67 15.34
CA VAL A 37 20.76 -6.07 15.56
C VAL A 37 21.66 -7.13 16.17
N LYS A 38 22.96 -6.84 16.26
CA LYS A 38 23.90 -7.80 16.82
C LYS A 38 23.54 -8.12 18.26
N SER A 39 23.25 -7.10 19.06
CA SER A 39 22.92 -7.32 20.47
C SER A 39 22.19 -6.11 21.03
N MET A 40 21.27 -6.38 21.95
CA MET A 40 20.63 -5.36 22.76
C MET A 40 21.04 -5.55 24.21
N THR A 41 21.45 -4.48 24.86
CA THR A 41 21.79 -4.50 26.27
C THR A 41 21.02 -3.37 26.94
N VAL A 42 20.36 -3.67 28.05
CA VAL A 42 19.51 -2.71 28.73
C VAL A 42 20.05 -2.49 30.13
N PHE A 43 19.70 -1.34 30.70
CA PHE A 43 20.19 -1.00 32.04
C PHE A 43 19.16 -0.14 32.76
N ASP A 44 18.51 -0.70 33.76
CA ASP A 44 17.65 0.06 34.67
C ASP A 44 17.61 -0.66 36.00
N PRO A 45 18.41 -0.22 36.98
CA PRO A 45 18.38 -0.88 38.29
C PRO A 45 17.24 -0.45 39.19
N GLU A 46 16.62 0.69 38.90
CA GLU A 46 15.58 1.21 39.77
C GLU A 46 14.45 0.19 39.93
N PRO A 47 13.76 0.20 41.07
CA PRO A 47 12.71 -0.79 41.30
C PRO A 47 11.42 -0.42 40.61
N VAL A 48 10.70 -1.46 40.17
CA VAL A 48 9.42 -1.22 39.52
C VAL A 48 8.45 -0.57 40.51
N GLN A 49 7.55 0.25 39.98
CA GLN A 49 6.48 0.83 40.78
C GLN A 49 5.19 0.81 39.96
N LEU A 50 4.07 0.87 40.68
CA LEU A 50 2.77 0.80 40.02
C LEU A 50 2.64 1.85 38.92
N ALA A 51 3.03 3.09 39.22
CA ALA A 51 2.90 4.17 38.24
C ALA A 51 3.60 3.84 36.94
N ASP A 52 4.75 3.16 37.03
CA ASP A 52 5.52 2.82 35.83
C ASP A 52 4.68 2.12 34.78
N LEU A 53 3.60 1.46 35.20
CA LEU A 53 2.81 0.66 34.27
C LEU A 53 1.94 1.51 33.34
N SER A 54 2.03 2.84 33.43
CA SER A 54 1.24 3.69 32.54
C SER A 54 1.50 3.36 31.08
N THR A 55 2.78 3.25 30.69
CA THR A 55 3.15 2.97 29.31
C THR A 55 4.09 1.78 29.16
N GLN A 56 4.62 1.23 30.24
CA GLN A 56 5.61 0.16 30.19
C GLN A 56 4.87 -1.15 30.16
N PHE A 57 4.65 -1.66 28.94
CA PHE A 57 3.72 -2.76 28.71
C PHE A 57 4.24 -4.13 29.13
N PHE A 58 5.53 -4.26 29.40
CA PHE A 58 6.10 -5.55 29.78
C PHE A 58 6.14 -5.75 31.29
N LEU A 59 5.63 -4.81 32.08
CA LEU A 59 5.67 -4.91 33.53
C LEU A 59 4.29 -5.25 34.08
N THR A 60 4.28 -6.07 35.12
CA THR A 60 3.07 -6.50 35.81
C THR A 60 3.18 -6.15 37.28
N GLU A 61 2.07 -6.31 38.00
CA GLU A 61 2.07 -5.98 39.43
C GLU A 61 2.87 -6.99 40.25
N LYS A 62 3.13 -8.19 39.72
CA LYS A 62 4.03 -9.11 40.39
C LYS A 62 5.44 -8.54 40.48
N ASP A 63 5.79 -7.63 39.58
CA ASP A 63 7.15 -7.14 39.48
C ASP A 63 7.45 -5.97 40.41
N ILE A 64 6.43 -5.33 40.96
CA ILE A 64 6.64 -4.16 41.80
C ILE A 64 7.72 -4.45 42.82
N GLY A 65 8.73 -3.58 42.88
CA GLY A 65 9.83 -3.72 43.80
C GLY A 65 11.09 -4.31 43.21
N GLN A 66 10.97 -5.07 42.12
CA GLN A 66 12.12 -5.66 41.46
C GLN A 66 12.71 -4.66 40.46
N LYS A 67 13.90 -4.98 39.96
CA LYS A 67 14.56 -4.10 39.00
C LYS A 67 13.86 -4.18 37.65
N ARG A 68 13.62 -3.02 37.03
CA ARG A 68 12.97 -2.99 35.73
C ARG A 68 13.79 -3.73 34.67
N GLY A 69 15.11 -3.50 34.67
CA GLY A 69 15.96 -4.12 33.67
C GLY A 69 15.94 -5.64 33.74
N ASP A 70 15.83 -6.20 34.94
CA ASP A 70 15.78 -7.65 35.08
C ASP A 70 14.46 -8.20 34.58
N VAL A 71 13.35 -7.57 34.97
CA VAL A 71 12.03 -8.10 34.64
C VAL A 71 11.61 -7.84 33.20
N THR A 72 12.32 -6.98 32.47
CA THR A 72 12.01 -6.76 31.06
C THR A 72 12.85 -7.61 30.11
N ARG A 73 14.00 -8.11 30.56
CA ARG A 73 14.94 -8.77 29.66
C ARG A 73 14.33 -9.99 29.00
N ALA A 74 13.67 -10.84 29.79
CA ALA A 74 13.11 -12.08 29.24
C ALA A 74 12.09 -11.78 28.16
N LYS A 75 11.22 -10.80 28.40
CA LYS A 75 10.16 -10.50 27.44
C LYS A 75 10.72 -9.85 26.19
N LEU A 76 11.77 -9.03 26.31
CA LEU A 76 12.39 -8.51 25.09
C LEU A 76 13.14 -9.60 24.33
N ALA A 77 13.69 -10.59 25.06
CA ALA A 77 14.38 -11.69 24.40
C ALA A 77 13.41 -12.52 23.57
N GLU A 78 12.20 -12.73 24.09
CA GLU A 78 11.19 -13.45 23.31
C GLU A 78 11.00 -12.87 21.91
N LEU A 79 11.24 -11.56 21.75
CA LEU A 79 10.81 -10.88 20.53
C LEU A 79 11.56 -11.37 19.30
N ASN A 80 12.87 -11.56 19.44
CA ASN A 80 13.70 -11.99 18.31
C ASN A 80 14.69 -13.03 18.83
N ALA A 81 14.59 -14.26 18.32
CA ALA A 81 15.52 -15.30 18.72
C ALA A 81 16.93 -15.02 18.25
N TYR A 82 17.10 -14.19 17.22
CA TYR A 82 18.40 -13.88 16.67
C TYR A 82 19.08 -12.69 17.35
N VAL A 83 18.41 -12.02 18.30
CA VAL A 83 18.98 -10.88 18.99
C VAL A 83 19.17 -11.27 20.45
N PRO A 84 20.41 -11.32 20.96
CA PRO A 84 20.62 -11.52 22.41
C PRO A 84 20.32 -10.25 23.19
N VAL A 85 19.54 -10.39 24.25
CA VAL A 85 19.21 -9.28 25.14
C VAL A 85 19.87 -9.54 26.49
N ASN A 86 20.72 -8.62 26.91
CA ASN A 86 21.43 -8.73 28.19
C ASN A 86 20.96 -7.64 29.14
N VAL A 87 21.46 -7.70 30.37
CA VAL A 87 21.27 -6.64 31.36
C VAL A 87 22.65 -6.20 31.83
N LEU A 88 22.91 -4.90 31.76
CA LEU A 88 24.12 -4.34 32.34
C LEU A 88 23.99 -4.39 33.85
N ASP A 89 24.72 -5.33 34.47
CA ASP A 89 24.82 -5.42 35.93
C ASP A 89 24.90 -4.05 36.59
N SER A 90 25.86 -3.23 36.17
CA SER A 90 26.07 -1.92 36.77
C SER A 90 26.81 -1.02 35.79
N LEU A 91 26.56 0.29 35.90
CA LEU A 91 27.24 1.31 35.11
C LEU A 91 27.94 2.24 36.08
N ASP A 92 29.19 1.93 36.42
CA ASP A 92 29.94 2.67 37.41
C ASP A 92 30.91 3.68 36.82
N ASP A 93 31.56 3.37 35.69
CA ASP A 93 32.39 4.35 35.02
C ASP A 93 32.15 4.30 33.50
N VAL A 94 32.46 5.42 32.85
CA VAL A 94 32.06 5.62 31.45
C VAL A 94 32.71 4.60 30.52
N THR A 95 33.91 4.12 30.86
CA THR A 95 34.62 3.24 29.93
C THR A 95 33.89 1.92 29.70
N GLN A 96 33.02 1.53 30.62
CA GLN A 96 32.16 0.38 30.39
C GLN A 96 31.36 0.51 29.10
N LEU A 97 31.14 1.74 28.64
CA LEU A 97 30.35 1.99 27.44
C LEU A 97 31.11 1.64 26.17
N SER A 98 32.44 1.52 26.23
CA SER A 98 33.23 1.37 25.01
C SER A 98 32.89 0.09 24.25
N GLN A 99 32.24 -0.87 24.89
CA GLN A 99 31.89 -2.12 24.21
C GLN A 99 30.65 -1.99 23.33
N PHE A 100 29.99 -0.84 23.32
CA PHE A 100 28.76 -0.66 22.57
C PHE A 100 28.96 0.32 21.42
N GLN A 101 28.23 0.09 20.33
CA GLN A 101 28.33 0.96 19.16
C GLN A 101 27.31 2.09 19.18
N VAL A 102 26.13 1.88 19.80
CA VAL A 102 25.21 2.98 20.03
C VAL A 102 24.76 2.96 21.49
N VAL A 103 24.70 4.14 22.11
CA VAL A 103 24.19 4.28 23.47
C VAL A 103 23.00 5.22 23.44
N VAL A 104 21.91 4.80 24.09
CA VAL A 104 20.65 5.54 24.11
C VAL A 104 20.32 5.88 25.55
N ALA A 105 20.06 7.16 25.82
CA ALA A 105 19.72 7.66 27.15
C ALA A 105 18.31 8.23 27.15
N THR A 106 17.43 7.60 27.92
CA THR A 106 16.02 7.97 27.90
C THR A 106 15.70 8.89 29.09
N ASP A 107 14.42 8.94 29.48
CA ASP A 107 13.97 9.91 30.49
C ASP A 107 14.51 9.63 31.89
N THR A 108 15.15 8.48 32.13
CA THR A 108 15.62 8.13 33.47
C THR A 108 17.01 8.66 33.77
N VAL A 109 17.72 9.19 32.78
CA VAL A 109 19.11 9.61 32.94
C VAL A 109 19.15 11.13 33.11
N SER A 110 19.76 11.58 34.20
CA SER A 110 19.87 13.01 34.47
C SER A 110 20.66 13.70 33.37
N LEU A 111 20.32 14.97 33.13
CA LEU A 111 21.02 15.73 32.10
C LEU A 111 22.52 15.79 32.38
N GLU A 112 22.91 15.89 33.65
CA GLU A 112 24.32 15.87 34.00
C GLU A 112 24.99 14.58 33.52
N ASP A 113 24.33 13.45 33.76
CA ASP A 113 24.85 12.19 33.24
C ASP A 113 24.77 12.11 31.72
N LYS A 114 23.77 12.74 31.11
CA LYS A 114 23.69 12.73 29.66
C LYS A 114 24.86 13.48 29.04
N VAL A 115 25.19 14.65 29.60
CA VAL A 115 26.34 15.41 29.13
C VAL A 115 27.63 14.61 29.32
N LYS A 116 27.76 13.95 30.47
CA LYS A 116 28.98 13.16 30.70
C LYS A 116 29.08 12.00 29.72
N ILE A 117 28.05 11.15 29.67
CA ILE A 117 28.00 10.03 28.73
C ILE A 117 28.27 10.52 27.31
N ASN A 118 27.68 11.65 26.93
CA ASN A 118 27.75 12.09 25.55
C ASN A 118 29.15 12.61 25.21
N GLU A 119 29.73 13.45 26.08
CA GLU A 119 31.10 13.87 25.85
C GLU A 119 31.98 12.65 25.65
N PHE A 120 31.81 11.63 26.50
CA PHE A 120 32.63 10.44 26.36
C PHE A 120 32.40 9.78 25.02
N CYS A 121 31.13 9.54 24.66
CA CYS A 121 30.82 8.80 23.43
C CYS A 121 31.30 9.57 22.19
N HIS A 122 31.04 10.87 22.15
CA HIS A 122 31.44 11.69 21.02
C HIS A 122 32.96 11.68 20.85
N SER A 123 33.71 11.91 21.93
CA SER A 123 35.16 11.92 21.82
C SER A 123 35.73 10.52 21.58
N SER A 124 34.99 9.47 21.93
N SER A 124 34.99 9.47 21.94
CA SER A 124 35.46 8.10 21.78
CA SER A 124 35.44 8.10 21.80
C SER A 124 34.98 7.44 20.50
C SER A 124 35.01 7.46 20.49
N GLY A 125 34.16 8.13 19.71
CA GLY A 125 33.67 7.55 18.48
C GLY A 125 32.48 6.64 18.66
N ILE A 126 31.62 6.93 19.63
CA ILE A 126 30.41 6.15 19.88
C ILE A 126 29.21 7.03 19.58
N ARG A 127 28.20 6.45 18.92
CA ARG A 127 27.00 7.19 18.59
C ARG A 127 26.11 7.32 19.81
N PHE A 128 25.59 8.52 20.04
CA PHE A 128 24.76 8.84 21.20
C PHE A 128 23.40 9.29 20.70
N ILE A 129 22.35 8.78 21.35
CA ILE A 129 21.00 9.31 21.15
C ILE A 129 20.34 9.44 22.50
N SER A 130 19.52 10.47 22.66
CA SER A 130 18.75 10.64 23.90
C SER A 130 17.31 11.00 23.54
N SER A 131 16.41 10.70 24.48
CA SER A 131 15.00 11.01 24.27
C SER A 131 14.33 11.19 25.62
N GLU A 132 13.31 12.06 25.64
CA GLU A 132 12.54 12.29 26.85
C GLU A 132 11.09 12.55 26.49
N THR A 133 10.19 12.17 27.39
CA THR A 133 8.77 12.46 27.26
C THR A 133 8.24 13.00 28.59
N ARG A 134 7.40 14.03 28.50
CA ARG A 134 6.94 14.79 29.65
C ARG A 134 5.46 15.10 29.41
N GLY A 135 4.59 14.20 29.85
CA GLY A 135 3.18 14.37 29.56
C GLY A 135 2.94 14.32 28.06
N LEU A 136 2.28 15.36 27.54
CA LEU A 136 2.04 15.48 26.10
C LEU A 136 3.21 16.10 25.36
N PHE A 137 4.36 16.27 26.01
CA PHE A 137 5.55 16.82 25.38
C PHE A 137 6.58 15.73 25.18
N GLY A 138 7.57 16.00 24.33
CA GLY A 138 8.66 15.07 24.11
C GLY A 138 9.75 15.68 23.27
N ASN A 139 10.93 15.05 23.32
CA ASN A 139 12.06 15.47 22.51
C ASN A 139 13.00 14.31 22.23
N THR A 140 13.85 14.49 21.22
CA THR A 140 14.96 13.58 20.98
C THR A 140 16.18 14.37 20.50
N PHE A 141 17.36 13.78 20.71
CA PHE A 141 18.65 14.36 20.35
C PHE A 141 19.52 13.26 19.76
N VAL A 142 20.13 13.53 18.60
CA VAL A 142 21.02 12.58 17.95
C VAL A 142 22.41 13.21 17.82
N ASP A 143 23.44 12.39 18.05
CA ASP A 143 24.83 12.84 17.93
C ASP A 143 25.65 11.61 17.51
N LEU A 144 25.80 11.44 16.21
CA LEU A 144 26.55 10.32 15.65
C LEU A 144 28.02 10.66 15.47
N GLY A 145 28.46 11.82 15.93
CA GLY A 145 29.88 12.12 16.02
C GLY A 145 30.37 13.03 14.91
N ASP A 146 31.70 13.08 14.82
CA ASP A 146 32.37 14.09 14.00
C ASP A 146 32.12 13.85 12.51
N GLU A 147 32.44 12.66 12.02
CA GLU A 147 32.48 12.37 10.58
C GLU A 147 31.49 11.25 10.26
N PHE A 148 30.20 11.61 10.16
CA PHE A 148 29.22 10.64 9.69
C PHE A 148 28.99 10.89 8.20
N THR A 149 28.83 9.83 7.44
CA THR A 149 28.61 9.95 6.00
C THR A 149 27.30 9.28 5.61
N VAL A 150 26.49 10.00 4.84
CA VAL A 150 25.22 9.53 4.32
C VAL A 150 25.47 8.99 2.93
N LEU A 151 25.35 7.67 2.78
CA LEU A 151 25.52 7.00 1.50
C LEU A 151 24.20 6.63 0.85
N ASP A 152 23.13 6.56 1.62
CA ASP A 152 21.79 6.25 1.09
C ASP A 152 20.78 7.13 1.80
N PRO A 153 20.58 8.36 1.31
CA PRO A 153 19.76 9.32 2.07
C PRO A 153 18.29 8.93 2.17
N THR A 154 17.68 8.45 1.10
CA THR A 154 16.25 8.16 1.08
C THR A 154 15.91 6.68 1.15
N GLY A 155 16.83 5.80 0.77
CA GLY A 155 16.57 4.38 0.73
C GLY A 155 15.72 3.91 -0.43
N GLU A 156 15.04 4.81 -1.12
CA GLU A 156 14.17 4.43 -2.22
C GLU A 156 14.98 4.01 -3.45
N GLU A 157 14.33 3.32 -4.36
CA GLU A 157 15.02 2.80 -5.53
C GLU A 157 15.52 3.95 -6.40
N PRO A 158 16.69 3.82 -7.03
CA PRO A 158 17.21 4.91 -7.87
C PRO A 158 16.32 5.14 -9.08
N ARG A 159 15.94 6.39 -9.29
CA ARG A 159 15.11 6.74 -10.42
C ARG A 159 15.86 6.55 -11.74
N THR A 160 15.13 6.09 -12.76
CA THR A 160 15.69 5.84 -14.08
C THR A 160 14.66 6.23 -15.12
N GLY A 161 15.14 6.42 -16.36
CA GLY A 161 14.22 6.77 -17.43
C GLY A 161 14.88 6.75 -18.78
N MET A 162 14.03 6.68 -19.82
CA MET A 162 14.51 6.59 -21.19
C MET A 162 14.61 7.99 -21.81
N VAL A 163 15.72 8.25 -22.47
CA VAL A 163 16.01 9.54 -23.08
C VAL A 163 15.48 9.55 -24.52
N SER A 164 14.95 10.70 -24.94
CA SER A 164 14.55 10.90 -26.33
C SER A 164 15.49 11.83 -27.07
N ASP A 165 15.85 12.97 -26.49
CA ASP A 165 16.67 13.95 -27.19
C ASP A 165 17.54 14.73 -26.22
N ILE A 166 18.83 14.84 -26.56
CA ILE A 166 19.78 15.65 -25.80
C ILE A 166 20.56 16.50 -26.80
N GLU A 167 20.63 17.81 -26.53
CA GLU A 167 21.28 18.77 -27.43
C GLU A 167 22.77 18.91 -27.13
N PRO A 168 23.50 19.70 -27.92
CA PRO A 168 24.86 20.10 -27.49
C PRO A 168 24.87 20.68 -26.08
N ASP A 169 23.95 21.61 -25.80
CA ASP A 169 23.73 22.01 -24.41
C ASP A 169 22.93 20.91 -23.71
N GLY A 170 22.84 21.02 -22.38
CA GLY A 170 22.21 19.98 -21.59
C GLY A 170 20.84 19.56 -22.07
N THR A 171 19.80 20.13 -21.48
CA THR A 171 18.42 19.89 -21.87
C THR A 171 18.16 18.46 -22.33
N VAL A 172 18.06 17.53 -21.38
CA VAL A 172 17.71 16.15 -21.68
C VAL A 172 16.19 16.03 -21.60
N THR A 173 15.54 15.87 -22.75
CA THR A 173 14.10 15.67 -22.80
C THR A 173 13.79 14.17 -22.79
N MET A 174 12.69 13.82 -22.13
CA MET A 174 12.32 12.44 -21.92
C MET A 174 11.59 11.88 -23.14
N LEU A 175 11.12 10.63 -23.00
CA LEU A 175 10.38 9.93 -24.04
C LEU A 175 8.89 10.00 -23.73
N ASP A 176 8.09 10.27 -24.75
CA ASP A 176 6.64 10.26 -24.70
C ASP A 176 6.06 10.62 -23.33
N ASP A 177 6.28 11.87 -22.91
CA ASP A 177 5.63 12.42 -21.72
C ASP A 177 5.78 11.49 -20.51
N ASN A 178 6.99 11.48 -19.97
CA ASN A 178 7.31 10.70 -18.79
C ASN A 178 8.02 11.58 -17.76
N ARG A 179 7.71 11.34 -16.49
CA ARG A 179 8.39 12.03 -15.40
C ARG A 179 9.77 11.42 -15.19
N HIS A 180 10.76 12.29 -15.01
CA HIS A 180 12.05 11.82 -14.50
C HIS A 180 12.01 11.60 -13.00
N GLY A 181 11.19 12.39 -12.28
CA GLY A 181 11.07 12.24 -10.85
C GLY A 181 12.24 12.73 -10.05
N LEU A 182 13.17 13.44 -10.68
CA LEU A 182 14.36 13.94 -10.01
C LEU A 182 14.13 15.34 -9.48
N GLU A 183 14.86 15.69 -8.41
CA GLU A 183 14.85 17.02 -7.85
C GLU A 183 16.12 17.77 -8.24
N ASP A 184 16.11 19.08 -8.00
CA ASP A 184 17.29 19.89 -8.28
C ASP A 184 18.47 19.41 -7.44
N GLY A 185 19.66 19.43 -8.05
CA GLY A 185 20.87 19.02 -7.38
C GLY A 185 21.17 17.54 -7.45
N ASN A 186 20.23 16.73 -7.91
CA ASN A 186 20.48 15.31 -8.08
C ASN A 186 21.61 15.09 -9.09
N PHE A 187 22.14 13.86 -9.12
CA PHE A 187 23.17 13.45 -10.06
C PHE A 187 22.70 12.23 -10.83
N VAL A 188 23.08 12.16 -12.11
CA VAL A 188 22.65 11.06 -12.97
C VAL A 188 23.80 10.60 -13.86
N ARG A 189 23.81 9.32 -14.16
CA ARG A 189 24.68 8.72 -15.17
C ARG A 189 23.83 8.27 -16.36
N PHE A 190 24.51 7.87 -17.43
CA PHE A 190 23.83 7.50 -18.67
C PHE A 190 24.33 6.17 -19.20
N SER A 191 23.46 5.49 -19.95
CA SER A 191 23.79 4.26 -20.66
C SER A 191 23.09 4.31 -22.02
N GLU A 192 23.61 3.54 -22.97
CA GLU A 192 23.00 3.31 -24.27
C GLU A 192 22.75 4.59 -25.07
N VAL A 193 23.36 5.71 -24.70
CA VAL A 193 23.21 6.95 -25.46
C VAL A 193 24.12 6.84 -26.69
N GLU A 194 23.51 6.80 -27.88
CA GLU A 194 24.28 6.69 -29.10
C GLU A 194 24.83 8.04 -29.53
N GLY A 195 26.08 8.03 -30.01
CA GLY A 195 26.73 9.25 -30.44
C GLY A 195 27.67 9.81 -29.38
N LEU A 196 27.12 10.11 -28.20
CA LEU A 196 27.89 10.67 -27.10
C LEU A 196 28.56 9.51 -26.36
N ASP A 197 29.70 9.08 -26.93
CA ASP A 197 30.36 7.86 -26.48
C ASP A 197 30.64 7.84 -24.99
N LYS A 198 31.65 8.59 -24.55
CA LYS A 198 32.11 8.53 -23.16
C LYS A 198 31.14 9.18 -22.19
N LEU A 199 29.99 9.69 -22.66
CA LEU A 199 28.91 10.05 -21.76
C LEU A 199 28.24 8.84 -21.13
N ASN A 200 28.62 7.62 -21.56
CA ASN A 200 28.05 6.39 -21.03
C ASN A 200 28.97 5.66 -20.06
N ASP A 201 30.07 6.29 -19.63
CA ASP A 201 31.12 5.57 -18.92
C ASP A 201 30.95 5.54 -17.41
N GLY A 202 29.92 6.21 -16.86
CA GLY A 202 29.71 6.27 -15.43
C GLY A 202 29.88 7.64 -14.83
N THR A 203 30.22 8.64 -15.63
CA THR A 203 30.39 9.99 -15.13
C THR A 203 29.07 10.55 -14.65
N LEU A 204 29.11 11.33 -13.58
CA LEU A 204 27.93 11.93 -12.98
C LEU A 204 27.74 13.36 -13.50
N PHE A 205 26.49 13.82 -13.44
CA PHE A 205 26.13 15.14 -13.93
C PHE A 205 25.08 15.75 -13.00
N LYS A 206 25.37 16.95 -12.52
CA LYS A 206 24.40 17.66 -11.68
C LYS A 206 23.18 18.02 -12.51
N VAL A 207 22.01 17.93 -11.89
CA VAL A 207 20.74 18.02 -12.59
C VAL A 207 19.99 19.27 -12.15
N GLU A 208 19.78 20.17 -13.10
CA GLU A 208 18.90 21.32 -12.91
C GLU A 208 17.55 20.99 -13.53
N VAL A 209 16.52 20.87 -12.69
CA VAL A 209 15.19 20.48 -13.13
C VAL A 209 14.53 21.71 -13.73
N LEU A 210 14.57 21.83 -15.06
CA LEU A 210 13.89 22.94 -15.73
C LEU A 210 12.45 22.61 -16.09
N GLY A 211 12.06 21.34 -16.04
CA GLY A 211 10.68 20.95 -16.21
C GLY A 211 10.43 19.58 -15.60
N PRO A 212 9.16 19.22 -15.39
CA PRO A 212 8.85 17.87 -14.88
C PRO A 212 9.12 16.77 -15.89
N PHE A 213 9.39 17.11 -17.15
CA PHE A 213 9.68 16.14 -18.19
C PHE A 213 11.02 16.43 -18.88
N ALA A 214 11.89 17.21 -18.24
CA ALA A 214 13.21 17.52 -18.81
C ALA A 214 14.10 18.06 -17.70
N PHE A 215 15.41 18.09 -17.98
CA PHE A 215 16.35 18.67 -17.03
C PHE A 215 17.65 18.99 -17.75
N ARG A 216 18.47 19.79 -17.09
CA ARG A 216 19.67 20.38 -17.67
C ARG A 216 20.92 19.67 -17.14
N ILE A 217 21.93 19.58 -17.99
CA ILE A 217 23.19 18.90 -17.68
C ILE A 217 24.38 19.83 -17.86
N GLY A 218 24.48 20.49 -19.00
CA GLY A 218 25.59 21.36 -19.30
C GLY A 218 26.08 21.21 -20.73
N SER A 219 27.41 21.27 -20.91
CA SER A 219 28.01 21.11 -22.22
C SER A 219 28.40 19.65 -22.44
N VAL A 220 27.95 19.09 -23.57
CA VAL A 220 28.21 17.68 -23.87
C VAL A 220 28.71 17.53 -25.30
N LYS A 221 29.31 18.59 -25.84
CA LYS A 221 29.89 18.50 -27.18
C LYS A 221 31.20 17.73 -27.18
N GLU A 222 31.84 17.57 -26.03
CA GLU A 222 33.14 16.90 -25.97
C GLU A 222 33.02 15.38 -26.01
N TYR A 223 31.90 14.83 -25.52
CA TYR A 223 31.72 13.39 -25.51
C TYR A 223 31.34 12.86 -26.90
N GLY A 224 30.72 13.68 -27.72
CA GLY A 224 30.33 13.27 -29.07
C GLY A 224 29.23 14.14 -29.64
N GLU A 225 28.33 13.52 -30.42
CA GLU A 225 27.15 14.20 -30.94
C GLU A 225 25.98 13.23 -30.84
N TYR A 226 24.95 13.63 -30.11
CA TYR A 226 23.84 12.72 -29.82
C TYR A 226 23.23 12.16 -31.10
N LYS A 227 23.01 10.85 -31.13
CA LYS A 227 22.38 10.17 -32.25
C LYS A 227 20.97 9.73 -31.93
N LYS A 228 20.78 8.84 -30.97
CA LYS A 228 19.44 8.37 -30.61
C LYS A 228 19.52 7.49 -29.37
N GLY A 229 18.40 7.44 -28.63
CA GLY A 229 18.26 6.50 -27.53
C GLY A 229 18.86 7.01 -26.22
N GLY A 230 19.08 6.06 -25.31
CA GLY A 230 19.70 6.34 -24.04
C GLY A 230 18.81 6.12 -22.84
N ILE A 231 19.43 5.86 -21.70
CA ILE A 231 18.76 5.73 -20.41
C ILE A 231 19.58 6.50 -19.38
N PHE A 232 18.91 7.19 -18.48
CA PHE A 232 19.55 7.83 -17.34
C PHE A 232 19.20 7.07 -16.07
N THR A 233 20.17 7.05 -15.15
CA THR A 233 20.02 6.45 -13.84
C THR A 233 20.52 7.40 -12.78
N GLU A 234 19.69 7.69 -11.78
CA GLU A 234 20.16 8.47 -10.64
C GLU A 234 21.20 7.68 -9.87
N VAL A 235 22.20 8.39 -9.35
CA VAL A 235 23.12 7.83 -8.36
C VAL A 235 23.19 8.80 -7.19
N LYS A 236 23.10 8.27 -5.98
CA LYS A 236 23.20 9.06 -4.78
C LYS A 236 24.68 9.16 -4.38
N VAL A 237 25.20 10.38 -4.35
CA VAL A 237 26.60 10.60 -4.01
C VAL A 237 26.70 10.76 -2.49
N PRO A 238 27.84 10.44 -1.89
CA PRO A 238 27.97 10.56 -0.43
C PRO A 238 27.81 12.01 0.03
N ARG A 239 27.40 12.16 1.30
CA ARG A 239 27.31 13.46 1.95
C ARG A 239 27.93 13.37 3.33
N LYS A 240 28.97 14.15 3.59
CA LYS A 240 29.63 14.17 4.89
C LYS A 240 28.93 15.19 5.79
N ILE A 241 28.56 14.76 6.99
CA ILE A 241 27.89 15.61 7.96
C ILE A 241 28.58 15.50 9.31
N SER A 242 28.54 16.61 10.05
CA SER A 242 29.12 16.74 11.37
C SER A 242 28.02 16.92 12.40
N PHE A 243 28.14 16.21 13.52
CA PHE A 243 27.27 16.41 14.67
C PHE A 243 28.07 17.09 15.77
N LYS A 244 27.44 18.02 16.47
CA LYS A 244 28.05 18.66 17.62
C LYS A 244 27.62 17.92 18.89
N SER A 245 28.47 18.00 19.92
CA SER A 245 28.20 17.31 21.17
C SER A 245 26.92 17.85 21.80
N LEU A 246 26.52 17.21 22.89
CA LEU A 246 25.33 17.65 23.63
C LEU A 246 25.57 19.01 24.28
N LYS A 247 26.77 19.24 24.83
CA LYS A 247 27.02 20.52 25.49
C LYS A 247 27.06 21.66 24.47
N GLN A 248 27.74 21.46 23.34
CA GLN A 248 27.72 22.46 22.28
C GLN A 248 26.30 22.72 21.81
N GLN A 249 25.48 21.67 21.73
CA GLN A 249 24.13 21.80 21.20
C GLN A 249 23.13 22.37 22.20
N LEU A 250 23.43 22.30 23.51
CA LEU A 250 22.49 22.80 24.49
C LEU A 250 22.30 24.31 24.37
N SER A 251 23.37 25.03 24.03
CA SER A 251 23.31 26.48 23.87
C SER A 251 23.22 26.91 22.42
N ASN A 252 23.57 26.04 21.47
CA ASN A 252 23.46 26.32 20.04
C ASN A 252 22.78 25.14 19.36
N PRO A 253 21.48 24.96 19.60
CA PRO A 253 20.78 23.79 19.07
C PRO A 253 20.44 23.94 17.59
N GLU A 254 20.52 22.81 16.88
CA GLU A 254 20.06 22.70 15.50
C GLU A 254 18.80 21.83 15.49
N PHE A 255 17.67 22.43 15.11
CA PHE A 255 16.38 21.78 15.23
C PHE A 255 15.96 21.10 13.93
N VAL A 256 15.31 19.95 14.07
CA VAL A 256 14.42 19.41 13.06
C VAL A 256 13.01 19.57 13.61
N PHE A 257 12.15 20.26 12.87
CA PHE A 257 10.85 20.65 13.40
C PHE A 257 9.83 19.54 13.18
N SER A 258 8.80 19.54 14.03
CA SER A 258 7.78 18.50 14.01
C SER A 258 6.43 18.98 13.52
N ASP A 259 6.23 20.29 13.38
CA ASP A 259 4.91 20.81 13.02
C ASP A 259 5.06 22.23 12.48
N PHE A 260 4.56 22.46 11.27
CA PHE A 260 4.62 23.78 10.65
C PHE A 260 4.06 24.85 11.57
N ALA A 261 2.91 24.59 12.18
CA ALA A 261 2.20 25.59 12.96
C ALA A 261 2.83 25.89 14.32
N LYS A 262 3.87 25.14 14.71
CA LYS A 262 4.44 25.25 16.05
C LYS A 262 5.94 25.51 16.01
N PHE A 263 6.46 26.05 14.90
CA PHE A 263 7.91 26.23 14.75
C PHE A 263 8.54 26.87 15.97
N ASP A 264 7.93 27.94 16.49
CA ASP A 264 8.55 28.70 17.57
C ASP A 264 8.72 27.86 18.83
N ARG A 265 7.73 27.03 19.15
CA ARG A 265 7.73 26.32 20.42
C ARG A 265 9.01 25.52 20.64
N ALA A 266 9.65 25.05 19.57
CA ALA A 266 10.82 24.20 19.73
C ALA A 266 11.92 24.90 20.53
N ALA A 267 12.10 26.20 20.33
CA ALA A 267 13.12 26.91 21.09
C ALA A 267 12.68 27.10 22.53
N GLN A 268 11.38 27.23 22.77
CA GLN A 268 10.87 27.34 24.13
C GLN A 268 11.12 26.05 24.90
N LEU A 269 10.62 24.92 24.36
CA LEU A 269 10.73 23.65 25.08
C LEU A 269 12.19 23.27 25.29
N HIS A 270 13.05 23.55 24.31
CA HIS A 270 14.47 23.29 24.49
C HIS A 270 14.97 23.86 25.82
N LEU A 271 14.51 25.06 26.16
CA LEU A 271 14.84 25.62 27.47
C LEU A 271 14.07 24.90 28.57
N GLY A 272 12.77 24.74 28.40
CA GLY A 272 11.95 24.10 29.40
C GLY A 272 12.52 22.78 29.85
N PHE A 273 12.73 21.85 28.90
CA PHE A 273 13.27 20.55 29.27
C PHE A 273 14.52 20.71 30.13
N GLN A 274 15.44 21.59 29.71
CA GLN A 274 16.64 21.83 30.51
C GLN A 274 16.25 22.23 31.93
N ALA A 275 15.40 23.25 32.06
CA ALA A 275 14.98 23.69 33.39
C ALA A 275 14.42 22.55 34.21
N LEU A 276 13.69 21.62 33.59
CA LEU A 276 13.15 20.49 34.33
C LEU A 276 14.27 19.80 35.11
N HIS A 277 15.37 19.46 34.42
CA HIS A 277 16.50 18.88 35.11
C HIS A 277 17.03 19.82 36.18
N GLN A 278 17.21 21.10 35.83
CA GLN A 278 17.65 22.08 36.82
C GLN A 278 16.72 22.09 38.03
N PHE A 279 15.42 21.88 37.80
CA PHE A 279 14.48 21.81 38.91
C PHE A 279 14.78 20.57 39.76
N ALA A 280 14.91 19.41 39.12
CA ALA A 280 15.18 18.18 39.85
C ALA A 280 16.46 18.29 40.68
N VAL A 281 17.46 19.03 40.16
CA VAL A 281 18.68 19.24 40.92
C VAL A 281 18.38 19.92 42.25
N ARG A 282 17.56 20.97 42.21
CA ARG A 282 17.28 21.74 43.42
C ARG A 282 16.31 21.03 44.36
N HIS A 283 15.51 20.10 43.86
CA HIS A 283 14.42 19.52 44.63
C HIS A 283 14.63 18.04 44.91
N ASN A 284 15.89 17.67 45.17
N ASN A 284 15.87 17.66 45.19
CA ASN A 284 16.24 16.32 45.62
CA ASN A 284 16.18 16.30 45.63
C ASN A 284 15.75 15.27 44.61
C ASN A 284 15.73 15.25 44.61
N GLY A 285 15.95 15.53 43.33
CA GLY A 285 15.63 14.58 42.29
C GLY A 285 14.20 14.57 41.79
N GLU A 286 13.31 15.38 42.36
CA GLU A 286 11.91 15.38 41.96
C GLU A 286 11.64 16.34 40.81
N LEU A 287 10.67 15.99 39.99
CA LEU A 287 10.16 16.89 38.99
C LEU A 287 9.13 17.82 39.61
N PRO A 288 8.77 18.91 38.92
CA PRO A 288 7.63 19.71 39.38
C PRO A 288 6.43 18.81 39.63
N ARG A 289 5.78 19.00 40.77
CA ARG A 289 4.60 18.20 41.07
C ARG A 289 3.42 18.71 40.24
N THR A 290 2.43 17.84 40.07
CA THR A 290 1.45 18.03 39.02
C THR A 290 0.53 19.22 39.29
N MET A 291 0.20 19.92 38.21
CA MET A 291 -0.72 21.07 38.25
C MET A 291 -0.40 22.02 39.40
N ASN A 292 0.88 22.16 39.73
CA ASN A 292 1.32 22.94 40.87
C ASN A 292 1.89 24.27 40.39
N ASP A 293 1.29 25.37 40.84
CA ASP A 293 1.68 26.68 40.36
C ASP A 293 2.99 27.16 40.98
N GLU A 294 3.28 26.79 42.22
CA GLU A 294 4.55 27.17 42.83
C GLU A 294 5.71 26.63 42.00
N ASP A 295 5.73 25.31 41.77
CA ASP A 295 6.78 24.70 40.97
C ASP A 295 6.75 25.23 39.53
N ALA A 296 5.56 25.50 39.00
CA ALA A 296 5.45 26.05 37.65
C ALA A 296 6.19 27.39 37.54
N ASN A 297 5.96 28.29 38.49
CA ASN A 297 6.60 29.60 38.42
C ASN A 297 8.08 29.51 38.74
N GLU A 298 8.48 28.55 39.58
CA GLU A 298 9.92 28.29 39.73
C GLU A 298 10.53 27.88 38.40
N LEU A 299 9.81 27.07 37.62
CA LEU A 299 10.32 26.65 36.31
C LEU A 299 10.39 27.84 35.36
N ILE A 300 9.37 28.69 35.37
CA ILE A 300 9.40 29.88 34.53
C ILE A 300 10.65 30.72 34.85
N LYS A 301 10.97 30.84 36.14
CA LYS A 301 12.17 31.61 36.51
C LYS A 301 13.45 30.93 36.03
N LEU A 302 13.54 29.61 36.23
CA LEU A 302 14.72 28.86 35.76
C LEU A 302 14.92 29.06 34.26
N VAL A 303 13.84 28.96 33.48
CA VAL A 303 13.94 29.15 32.04
C VAL A 303 14.34 30.59 31.72
N THR A 304 13.72 31.56 32.41
CA THR A 304 14.00 32.96 32.15
C THR A 304 15.48 33.27 32.33
N ASP A 305 16.11 32.67 33.34
CA ASP A 305 17.55 32.86 33.53
C ASP A 305 18.36 32.10 32.47
N LEU A 306 17.93 30.88 32.15
CA LEU A 306 18.63 30.11 31.13
C LEU A 306 18.64 30.83 29.80
N SER A 307 17.61 31.62 29.52
CA SER A 307 17.57 32.40 28.30
C SER A 307 18.78 33.33 28.20
N VAL A 308 19.09 34.03 29.30
CA VAL A 308 20.24 34.92 29.30
C VAL A 308 21.53 34.13 29.21
N GLN A 309 21.56 32.94 29.82
CA GLN A 309 22.76 32.11 29.69
C GLN A 309 22.93 31.56 28.27
N GLN A 310 21.85 31.46 27.50
CA GLN A 310 21.87 30.93 26.15
C GLN A 310 21.09 31.85 25.23
N PRO A 311 21.60 33.05 24.95
CA PRO A 311 20.84 34.00 24.12
C PRO A 311 20.54 33.50 22.72
N GLU A 312 21.34 32.57 22.19
CA GLU A 312 21.14 32.07 20.83
C GLU A 312 19.99 31.09 20.72
N VAL A 313 19.42 30.65 21.83
CA VAL A 313 18.33 29.67 21.77
C VAL A 313 17.03 30.34 21.34
N LEU A 314 16.73 31.52 21.90
CA LEU A 314 15.57 32.28 21.48
C LEU A 314 15.92 33.41 20.52
N GLY A 315 17.17 33.87 20.53
CA GLY A 315 17.57 34.98 19.70
C GLY A 315 17.32 36.31 20.39
N GLU A 316 17.25 37.36 19.57
CA GLU A 316 17.07 38.71 20.06
C GLU A 316 15.58 39.08 20.06
N GLY A 317 15.12 39.67 21.17
CA GLY A 317 13.77 40.20 21.24
C GLY A 317 12.67 39.19 21.44
N VAL A 318 12.99 37.90 21.46
CA VAL A 318 11.99 36.84 21.63
C VAL A 318 11.78 36.62 23.11
N ASP A 319 10.52 36.67 23.55
CA ASP A 319 10.18 36.52 24.95
C ASP A 319 10.01 35.05 25.32
N VAL A 320 10.14 34.77 26.62
CA VAL A 320 9.82 33.45 27.14
C VAL A 320 8.31 33.27 27.11
N ASN A 321 7.87 32.04 26.85
CA ASN A 321 6.45 31.70 26.78
C ASN A 321 6.03 31.14 28.14
N GLU A 322 5.50 32.01 28.99
CA GLU A 322 5.06 31.58 30.31
C GLU A 322 4.08 30.42 30.23
N ASP A 323 3.07 30.53 29.38
CA ASP A 323 1.97 29.56 29.37
C ASP A 323 2.46 28.18 28.91
N LEU A 324 3.29 28.16 27.88
CA LEU A 324 3.85 26.89 27.40
C LEU A 324 4.67 26.20 28.48
N ILE A 325 5.65 26.93 29.05
CA ILE A 325 6.49 26.35 30.09
C ILE A 325 5.68 25.96 31.31
N LYS A 326 4.64 26.74 31.60
CA LYS A 326 3.73 26.44 32.70
C LYS A 326 3.07 25.09 32.49
N GLU A 327 2.57 24.84 31.27
CA GLU A 327 2.00 23.52 30.98
C GLU A 327 3.04 22.43 31.04
N LEU A 328 4.28 22.73 30.61
CA LEU A 328 5.35 21.74 30.72
C LEU A 328 5.54 21.30 32.16
N SER A 329 5.58 22.28 33.08
CA SER A 329 5.70 21.95 34.50
C SER A 329 4.48 21.16 34.98
N TYR A 330 3.28 21.57 34.58
CA TYR A 330 2.08 20.86 34.99
C TYR A 330 2.12 19.39 34.58
N GLN A 331 2.67 19.10 33.41
CA GLN A 331 2.62 17.75 32.85
C GLN A 331 3.92 16.97 33.00
N ALA A 332 4.90 17.53 33.70
CA ALA A 332 6.22 16.89 33.80
C ALA A 332 6.13 15.42 34.18
N ARG A 333 5.24 15.06 35.12
CA ARG A 333 5.18 13.69 35.59
C ARG A 333 4.35 12.79 34.70
N GLY A 334 3.75 13.31 33.63
CA GLY A 334 2.84 12.51 32.83
C GLY A 334 3.56 11.45 32.03
N ASP A 335 2.83 10.37 31.72
CA ASP A 335 3.36 9.21 31.00
C ASP A 335 2.23 8.74 30.07
N ILE A 336 2.26 9.21 28.83
CA ILE A 336 1.12 9.12 27.92
C ILE A 336 1.46 8.11 26.84
N PRO A 337 0.69 7.04 26.68
CA PRO A 337 1.06 6.00 25.71
C PRO A 337 1.28 6.51 24.29
N GLY A 338 0.47 7.45 23.83
CA GLY A 338 0.62 7.93 22.47
C GLY A 338 1.95 8.61 22.21
N VAL A 339 2.34 9.51 23.11
CA VAL A 339 3.60 10.23 22.97
C VAL A 339 4.78 9.29 23.10
N VAL A 340 4.67 8.33 24.01
CA VAL A 340 5.74 7.37 24.23
C VAL A 340 5.91 6.46 23.03
N ALA A 341 4.81 6.04 22.42
CA ALA A 341 4.90 5.20 21.22
C ALA A 341 5.44 5.97 20.02
N PHE A 342 4.97 7.21 19.85
CA PHE A 342 5.50 8.07 18.80
C PHE A 342 7.02 8.16 18.89
N PHE A 343 7.52 8.60 20.04
CA PHE A 343 8.96 8.75 20.17
C PHE A 343 9.68 7.41 20.16
N GLY A 344 9.02 6.33 20.61
CA GLY A 344 9.63 5.02 20.51
C GLY A 344 9.97 4.65 19.08
N GLY A 345 8.99 4.77 18.19
CA GLY A 345 9.27 4.46 16.79
C GLY A 345 10.30 5.39 16.18
N LEU A 346 10.08 6.70 16.32
CA LEU A 346 11.02 7.71 15.85
C LEU A 346 12.45 7.44 16.29
N VAL A 347 12.66 7.28 17.58
CA VAL A 347 13.99 7.12 18.15
C VAL A 347 14.59 5.76 17.78
N ALA A 348 13.77 4.70 17.80
CA ALA A 348 14.27 3.40 17.38
C ALA A 348 14.80 3.45 15.95
N GLN A 349 14.10 4.17 15.07
CA GLN A 349 14.58 4.29 13.71
C GLN A 349 15.91 5.04 13.67
N GLU A 350 16.05 6.09 14.48
CA GLU A 350 17.32 6.80 14.51
C GLU A 350 18.46 5.87 14.97
N VAL A 351 18.18 5.01 15.94
CA VAL A 351 19.16 4.03 16.38
C VAL A 351 19.54 3.11 15.24
N LEU A 352 18.56 2.70 14.44
CA LEU A 352 18.85 1.76 13.35
C LEU A 352 19.66 2.43 12.26
N LYS A 353 19.40 3.72 11.99
CA LYS A 353 20.28 4.46 11.08
C LYS A 353 21.71 4.47 11.61
N ALA A 354 21.87 4.76 12.91
CA ALA A 354 23.20 4.81 13.49
C ALA A 354 23.90 3.46 13.43
N CYS A 355 23.12 2.37 13.40
CA CYS A 355 23.70 1.03 13.28
C CYS A 355 24.04 0.68 11.83
N SER A 356 23.24 1.13 10.86
CA SER A 356 23.29 0.62 9.50
C SER A 356 24.01 1.53 8.52
N GLY A 357 23.96 2.85 8.72
CA GLY A 357 24.42 3.79 7.71
C GLY A 357 23.37 4.19 6.70
N LYS A 358 22.15 3.68 6.82
CA LYS A 358 21.08 3.93 5.89
C LYS A 358 20.28 5.17 6.30
N PHE A 359 19.77 5.87 5.29
CA PHE A 359 18.90 7.03 5.49
C PHE A 359 19.67 8.24 6.00
N THR A 360 18.94 9.31 6.32
CA THR A 360 19.53 10.58 6.75
C THR A 360 19.20 10.81 8.22
N PRO A 361 20.18 10.88 9.11
CA PRO A 361 19.88 11.02 10.54
C PRO A 361 19.22 12.35 10.87
N LEU A 362 18.54 12.36 12.02
CA LEU A 362 18.01 13.60 12.58
C LEU A 362 19.16 14.46 13.08
N LYS A 363 19.10 15.76 12.78
CA LYS A 363 20.24 16.66 13.03
C LYS A 363 19.71 17.98 13.60
N GLN A 364 19.70 18.11 14.93
CA GLN A 364 20.05 17.09 15.90
C GLN A 364 18.95 16.97 16.97
N PHE A 365 18.19 18.06 17.16
CA PHE A 365 17.13 18.11 18.16
C PHE A 365 15.77 18.13 17.47
N MET A 366 14.81 17.42 18.06
CA MET A 366 13.42 17.57 17.66
C MET A 366 12.53 17.60 18.89
N TYR A 367 11.58 18.55 18.91
CA TYR A 367 10.63 18.71 20.00
C TYR A 367 9.22 18.56 19.45
N PHE A 368 8.32 18.13 20.33
CA PHE A 368 6.97 17.75 19.92
C PHE A 368 6.04 17.91 21.10
N ASP A 369 4.83 18.40 20.81
CA ASP A 369 3.76 18.41 21.79
C ASP A 369 2.46 18.09 21.08
N SER A 370 1.47 17.66 21.86
CA SER A 370 0.13 17.38 21.35
C SER A 370 -0.90 17.99 22.30
N LEU A 371 -0.72 19.27 22.60
CA LEU A 371 -1.57 19.92 23.61
C LEU A 371 -3.03 19.99 23.20
N GLU A 372 -3.34 19.91 21.90
CA GLU A 372 -4.75 19.92 21.51
C GLU A 372 -5.45 18.60 21.83
N SER A 373 -4.71 17.58 22.26
CA SER A 373 -5.36 16.41 22.85
C SER A 373 -6.04 16.75 24.16
N LEU A 374 -5.68 17.86 24.79
CA LEU A 374 -6.28 18.24 26.06
C LEU A 374 -7.77 18.51 25.87
N PRO A 375 -8.63 17.96 26.72
CA PRO A 375 -10.06 18.24 26.60
C PRO A 375 -10.39 19.67 27.03
N ASP A 376 -11.63 20.05 26.78
CA ASP A 376 -12.12 21.36 27.20
C ASP A 376 -12.08 21.44 28.72
N PRO A 377 -11.27 22.33 29.31
CA PRO A 377 -11.24 22.42 30.78
C PRO A 377 -12.61 22.67 31.38
N LYS A 378 -13.49 23.38 30.66
CA LYS A 378 -14.87 23.48 31.10
C LYS A 378 -15.47 22.10 31.31
N ASN A 379 -15.36 21.23 30.29
CA ASN A 379 -15.86 19.87 30.40
C ASN A 379 -15.10 19.08 31.47
N PHE A 380 -13.79 19.26 31.55
CA PHE A 380 -12.92 18.40 32.36
C PHE A 380 -11.87 19.25 33.05
N PRO A 381 -12.21 19.86 34.19
CA PRO A 381 -11.27 20.73 34.88
C PRO A 381 -9.96 20.05 35.25
N ARG A 382 -8.88 20.82 35.21
CA ARG A 382 -7.53 20.36 35.55
C ARG A 382 -6.99 21.22 36.68
N ASN A 383 -6.85 20.61 37.86
CA ASN A 383 -6.28 21.26 39.03
C ASN A 383 -5.59 20.18 39.86
N GLU A 384 -5.04 20.59 41.01
CA GLU A 384 -4.21 19.66 41.78
C GLU A 384 -5.02 18.50 42.37
N LYS A 385 -6.33 18.63 42.53
CA LYS A 385 -7.13 17.53 43.06
C LYS A 385 -7.63 16.61 41.96
N THR A 386 -8.31 17.18 40.95
CA THR A 386 -8.87 16.35 39.88
C THR A 386 -7.80 15.49 39.23
N THR A 387 -6.58 16.00 39.19
CA THR A 387 -5.44 15.39 38.50
C THR A 387 -4.60 14.51 39.42
N GLN A 388 -4.99 14.35 40.67
CA GLN A 388 -4.12 13.73 41.65
C GLN A 388 -4.11 12.21 41.52
N PRO A 389 -3.08 11.55 42.05
CA PRO A 389 -2.97 10.09 41.93
C PRO A 389 -4.07 9.36 42.70
N VAL A 390 -4.15 8.06 42.47
CA VAL A 390 -5.24 7.23 42.99
C VAL A 390 -4.73 5.81 43.25
N ASN A 391 -3.42 5.65 43.31
CA ASN A 391 -2.79 4.34 43.54
C ASN A 391 -3.20 3.34 42.46
N SER A 392 -3.11 3.78 41.20
CA SER A 392 -3.42 2.92 40.06
C SER A 392 -2.34 3.06 38.99
N ARG A 393 -2.36 2.13 38.05
CA ARG A 393 -1.43 2.14 36.92
C ARG A 393 -1.69 3.29 35.97
N TYR A 394 -2.83 3.96 36.07
CA TYR A 394 -3.18 5.08 35.20
C TYR A 394 -2.85 6.44 35.81
N ASP A 395 -2.08 6.46 36.91
CA ASP A 395 -1.91 7.70 37.65
C ASP A 395 -1.20 8.76 36.82
N ASN A 396 -0.22 8.37 36.00
CA ASN A 396 0.52 9.34 35.21
C ASN A 396 -0.18 9.69 33.90
N GLN A 397 -1.35 9.11 33.63
CA GLN A 397 -2.27 9.63 32.62
C GLN A 397 -3.27 10.59 33.25
N ILE A 398 -3.77 10.22 34.44
CA ILE A 398 -4.59 11.14 35.22
C ILE A 398 -3.85 12.43 35.46
N ALA A 399 -2.52 12.33 35.67
CA ALA A 399 -1.72 13.53 35.91
C ALA A 399 -1.98 14.60 34.86
N VAL A 400 -2.24 14.20 33.62
CA VAL A 400 -2.49 15.17 32.56
C VAL A 400 -3.98 15.44 32.39
N PHE A 401 -4.80 14.38 32.31
CA PHE A 401 -6.16 14.56 31.83
C PHE A 401 -7.21 14.68 32.93
N GLY A 402 -6.90 14.30 34.16
CA GLY A 402 -7.89 14.26 35.21
C GLY A 402 -8.65 12.94 35.25
N LEU A 403 -9.21 12.64 36.41
CA LEU A 403 -9.80 11.33 36.63
C LEU A 403 -11.08 11.13 35.82
N ASP A 404 -11.85 12.19 35.59
CA ASP A 404 -13.15 12.03 34.93
C ASP A 404 -12.99 11.71 33.46
N PHE A 405 -12.11 12.44 32.77
CA PHE A 405 -11.83 12.15 31.36
C PHE A 405 -11.26 10.75 31.21
N GLN A 406 -10.39 10.35 32.14
CA GLN A 406 -9.84 9.00 32.14
C GLN A 406 -10.92 7.95 32.35
N LYS A 407 -11.89 8.25 33.22
CA LYS A 407 -13.03 7.36 33.40
C LYS A 407 -13.85 7.25 32.12
N LYS A 408 -14.04 8.37 31.42
CA LYS A 408 -14.74 8.32 30.14
C LYS A 408 -14.00 7.42 29.15
N ILE A 409 -12.67 7.50 29.14
CA ILE A 409 -11.89 6.57 28.31
C ILE A 409 -12.21 5.13 28.72
N ALA A 410 -12.30 4.87 30.02
CA ALA A 410 -12.63 3.52 30.48
C ALA A 410 -14.00 3.08 29.95
N ASN A 411 -14.98 3.98 29.95
CA ASN A 411 -16.34 3.65 29.54
C ASN A 411 -16.60 4.02 28.09
N SER A 412 -15.65 3.79 27.20
CA SER A 412 -15.85 3.99 25.78
C SER A 412 -16.10 2.64 25.09
N LYS A 413 -16.84 2.69 23.98
CA LYS A 413 -17.23 1.52 23.22
C LYS A 413 -16.68 1.67 21.81
N VAL A 414 -15.77 0.77 21.43
CA VAL A 414 -14.88 0.99 20.29
C VAL A 414 -14.82 -0.25 19.43
N PHE A 415 -14.70 -0.04 18.11
CA PHE A 415 -14.58 -1.14 17.15
C PHE A 415 -13.28 -1.03 16.37
N LEU A 416 -12.45 -2.06 16.44
CA LEU A 416 -11.17 -2.10 15.74
C LEU A 416 -11.25 -3.17 14.65
N VAL A 417 -11.08 -2.77 13.40
CA VAL A 417 -11.12 -3.69 12.27
C VAL A 417 -9.68 -4.07 11.90
N GLY A 418 -9.32 -5.32 12.14
CA GLY A 418 -8.01 -5.81 11.75
C GLY A 418 -7.06 -5.95 12.93
N SER A 419 -6.38 -7.09 13.00
CA SER A 419 -5.44 -7.38 14.08
C SER A 419 -4.06 -7.69 13.53
N GLY A 420 -3.65 -6.94 12.50
CA GLY A 420 -2.31 -7.05 11.95
C GLY A 420 -1.31 -6.29 12.80
N ALA A 421 -0.27 -5.78 12.15
CA ALA A 421 0.77 -5.05 12.86
C ALA A 421 0.21 -3.82 13.56
N ILE A 422 -0.47 -2.94 12.79
CA ILE A 422 -1.05 -1.76 13.40
C ILE A 422 -2.14 -2.15 14.39
N GLY A 423 -2.91 -3.18 14.07
CA GLY A 423 -3.95 -3.62 14.99
C GLY A 423 -3.38 -4.05 16.32
N CYS A 424 -2.25 -4.77 16.29
CA CYS A 424 -1.63 -5.22 17.53
C CYS A 424 -1.09 -4.04 18.33
N GLU A 425 -0.34 -3.14 17.69
CA GLU A 425 0.12 -1.95 18.40
C GLU A 425 -1.06 -1.14 18.95
N MET A 426 -2.19 -1.16 18.26
CA MET A 426 -3.36 -0.43 18.73
C MET A 426 -3.92 -1.07 20.00
N LEU A 427 -4.09 -2.39 19.98
CA LEU A 427 -4.56 -3.07 21.18
C LEU A 427 -3.61 -2.84 22.34
N LYS A 428 -2.31 -2.72 22.08
CA LYS A 428 -1.35 -2.41 23.13
C LYS A 428 -1.60 -1.02 23.72
N ASN A 429 -1.68 -0.01 22.84
CA ASN A 429 -1.98 1.34 23.32
C ASN A 429 -3.27 1.37 24.11
N TRP A 430 -4.29 0.66 23.64
CA TRP A 430 -5.58 0.67 24.31
C TRP A 430 -5.49 -0.02 25.66
N ALA A 431 -4.78 -1.15 25.73
CA ALA A 431 -4.54 -1.80 27.01
C ALA A 431 -3.92 -0.84 28.00
N LEU A 432 -2.88 -0.11 27.57
CA LEU A 432 -2.25 0.85 28.48
C LEU A 432 -3.18 2.01 28.81
N LEU A 433 -4.12 2.32 27.91
CA LEU A 433 -5.09 3.38 28.15
C LEU A 433 -6.21 2.95 29.10
N GLY A 434 -6.39 1.64 29.30
CA GLY A 434 -7.58 1.19 29.98
C GLY A 434 -8.84 1.53 29.21
N LEU A 435 -8.75 1.55 27.88
CA LEU A 435 -9.88 1.89 27.03
C LEU A 435 -10.87 0.73 27.02
N GLY A 436 -12.16 1.04 27.18
CA GLY A 436 -13.15 0.00 27.25
C GLY A 436 -12.99 -0.89 28.46
N SER A 437 -12.40 -0.35 29.53
CA SER A 437 -12.18 -1.08 30.76
C SER A 437 -13.26 -0.82 31.81
N GLY A 438 -14.00 0.28 31.67
CA GLY A 438 -15.10 0.55 32.57
C GLY A 438 -16.25 -0.41 32.36
N SER A 439 -17.25 -0.30 33.25
CA SER A 439 -18.38 -1.22 33.17
C SER A 439 -19.27 -0.93 31.98
N ASP A 440 -19.28 0.31 31.48
CA ASP A 440 -20.08 0.69 30.32
C ASP A 440 -19.27 0.75 29.04
N GLY A 441 -18.03 0.26 29.04
CA GLY A 441 -17.19 0.24 27.87
C GLY A 441 -16.82 -1.18 27.46
N TYR A 442 -16.29 -1.29 26.25
CA TYR A 442 -15.81 -2.56 25.73
C TYR A 442 -15.00 -2.29 24.47
N ILE A 443 -14.34 -3.33 23.98
CA ILE A 443 -13.61 -3.30 22.71
C ILE A 443 -14.10 -4.47 21.87
N VAL A 444 -14.18 -4.27 20.56
CA VAL A 444 -14.44 -5.35 19.61
C VAL A 444 -13.33 -5.32 18.56
N VAL A 445 -12.54 -6.38 18.51
CA VAL A 445 -11.50 -6.55 17.51
C VAL A 445 -11.88 -7.74 16.64
N THR A 446 -11.75 -7.59 15.32
CA THR A 446 -12.13 -8.66 14.40
C THR A 446 -11.13 -8.79 13.28
N ASP A 447 -10.69 -10.03 13.02
CA ASP A 447 -9.80 -10.33 11.90
C ASP A 447 -9.94 -11.81 11.58
N ASN A 448 -10.16 -12.13 10.30
CA ASN A 448 -10.33 -13.49 9.84
C ASN A 448 -9.05 -14.07 9.26
N ASP A 449 -7.90 -13.48 9.56
CA ASP A 449 -6.62 -13.95 9.08
C ASP A 449 -5.94 -14.81 10.14
N SER A 450 -5.00 -15.63 9.70
CA SER A 450 -4.23 -16.51 10.57
C SER A 450 -2.79 -16.03 10.66
N ILE A 451 -2.04 -16.63 11.57
CA ILE A 451 -0.68 -16.20 11.88
C ILE A 451 0.31 -17.05 11.10
N GLU A 452 1.41 -16.43 10.66
CA GLU A 452 2.47 -17.10 9.92
C GLU A 452 3.69 -16.20 9.90
N LYS A 453 4.87 -16.78 10.13
CA LYS A 453 6.07 -16.00 10.39
C LYS A 453 6.53 -15.24 9.15
N SER A 454 7.27 -14.16 9.40
CA SER A 454 7.77 -13.30 8.32
C SER A 454 9.26 -13.53 8.10
N ASN A 455 10.11 -12.86 8.88
CA ASN A 455 11.55 -13.07 8.78
C ASN A 455 12.21 -12.66 10.10
N ALA A 456 12.72 -13.65 10.84
CA ALA A 456 13.43 -13.41 12.09
C ALA A 456 12.50 -12.87 13.18
N ASN A 457 11.37 -13.55 13.35
CA ASN A 457 10.42 -13.28 14.44
C ASN A 457 10.02 -11.80 14.50
N ARG A 458 9.36 -11.34 13.44
CA ARG A 458 8.67 -10.08 13.49
C ARG A 458 7.35 -10.26 14.23
N GLN A 459 6.82 -9.15 14.75
N GLN A 459 6.78 -9.16 14.72
CA GLN A 459 5.51 -9.05 15.39
CA GLN A 459 5.47 -9.12 15.37
C GLN A 459 5.63 -9.40 16.86
C GLN A 459 5.65 -9.41 16.87
N PHE A 460 5.29 -8.45 17.73
CA PHE A 460 5.59 -8.53 19.15
C PHE A 460 4.44 -9.04 20.00
N LEU A 461 3.34 -9.48 19.38
CA LEU A 461 2.32 -10.23 20.09
C LEU A 461 2.24 -11.68 19.66
N PHE A 462 2.75 -12.03 18.48
CA PHE A 462 2.66 -13.38 17.94
C PHE A 462 3.98 -14.11 18.09
N ARG A 463 3.93 -15.39 18.41
CA ARG A 463 5.10 -16.23 18.66
C ARG A 463 5.03 -17.46 17.78
N PRO A 464 6.16 -18.19 17.67
CA PRO A 464 6.11 -19.51 17.01
C PRO A 464 5.02 -20.41 17.58
N LYS A 465 4.82 -20.37 18.90
CA LYS A 465 3.77 -21.17 19.53
C LYS A 465 2.38 -20.81 19.03
N ASP A 466 2.22 -19.64 18.41
CA ASP A 466 0.91 -19.12 18.01
C ASP A 466 0.58 -19.38 16.54
N VAL A 467 1.52 -19.93 15.76
CA VAL A 467 1.30 -20.05 14.33
C VAL A 467 0.05 -20.88 14.07
N GLY A 468 -0.80 -20.39 13.16
CA GLY A 468 -2.01 -21.07 12.75
C GLY A 468 -3.27 -20.56 13.41
N LYS A 469 -3.17 -19.93 14.57
CA LYS A 469 -4.34 -19.43 15.28
C LYS A 469 -4.75 -18.07 14.72
N ASN A 470 -5.88 -17.57 15.20
CA ASN A 470 -6.40 -16.30 14.72
C ASN A 470 -5.61 -15.12 15.30
N LYS A 471 -5.47 -14.07 14.49
CA LYS A 471 -4.75 -12.88 14.93
C LYS A 471 -5.50 -12.17 16.06
N SER A 472 -6.80 -11.94 15.86
CA SER A 472 -7.58 -11.18 16.84
C SER A 472 -7.53 -11.83 18.22
N GLU A 473 -7.72 -13.16 18.26
CA GLU A 473 -7.77 -13.86 19.54
C GLU A 473 -6.45 -13.77 20.28
N VAL A 474 -5.34 -14.06 19.59
CA VAL A 474 -4.02 -14.04 20.22
C VAL A 474 -3.65 -12.63 20.66
N ALA A 475 -3.97 -11.62 19.83
CA ALA A 475 -3.66 -10.25 20.19
C ALA A 475 -4.44 -9.80 21.42
N ALA A 476 -5.73 -10.11 21.45
CA ALA A 476 -6.55 -9.76 22.61
C ALA A 476 -5.99 -10.38 23.88
N GLU A 477 -5.66 -11.67 23.83
CA GLU A 477 -5.14 -12.33 25.02
C GLU A 477 -3.79 -11.76 25.44
N ALA A 478 -2.94 -11.41 24.47
CA ALA A 478 -1.65 -10.83 24.80
C ALA A 478 -1.81 -9.53 25.56
N VAL A 479 -2.65 -8.62 25.05
CA VAL A 479 -2.79 -7.34 25.72
C VAL A 479 -3.50 -7.52 27.07
N CYS A 480 -4.35 -8.55 27.21
CA CYS A 480 -4.89 -8.84 28.53
C CYS A 480 -3.80 -9.29 29.48
N ALA A 481 -2.78 -10.00 28.98
CA ALA A 481 -1.63 -10.30 29.81
C ALA A 481 -0.91 -9.02 30.23
N MET A 482 -0.91 -8.01 29.36
CA MET A 482 -0.27 -6.75 29.72
C MET A 482 -1.10 -5.95 30.72
N ASN A 483 -2.43 -5.91 30.53
CA ASN A 483 -3.32 -5.22 31.46
C ASN A 483 -4.55 -6.08 31.75
N PRO A 484 -4.58 -6.76 32.91
CA PRO A 484 -5.77 -7.55 33.27
C PRO A 484 -7.06 -6.78 33.35
N ASP A 485 -7.02 -5.45 33.57
CA ASP A 485 -8.26 -4.67 33.62
C ASP A 485 -9.09 -4.86 32.36
N LEU A 486 -8.49 -5.33 31.27
CA LEU A 486 -9.21 -5.59 30.03
C LEU A 486 -9.57 -7.06 29.85
N LYS A 487 -9.43 -7.88 30.88
CA LYS A 487 -9.83 -9.28 30.76
C LYS A 487 -11.35 -9.36 30.70
N GLY A 488 -11.86 -10.08 29.70
CA GLY A 488 -13.29 -10.17 29.51
C GLY A 488 -13.95 -8.92 28.95
N LYS A 489 -13.16 -7.91 28.56
CA LYS A 489 -13.69 -6.74 27.89
C LYS A 489 -13.36 -6.70 26.41
N ILE A 490 -12.49 -7.59 25.92
CA ILE A 490 -12.13 -7.65 24.51
C ILE A 490 -12.99 -8.71 23.84
N ASN A 491 -13.83 -8.29 22.90
CA ASN A 491 -14.66 -9.18 22.11
C ASN A 491 -13.91 -9.45 20.81
N ALA A 492 -13.22 -10.59 20.75
CA ALA A 492 -12.34 -10.91 19.63
C ALA A 492 -13.10 -11.81 18.67
N LYS A 493 -13.61 -11.21 17.59
CA LYS A 493 -14.31 -11.91 16.52
C LYS A 493 -13.33 -12.29 15.41
N ILE A 494 -13.82 -13.11 14.47
CA ILE A 494 -13.00 -13.54 13.34
C ILE A 494 -13.80 -13.39 12.05
N ASP A 495 -14.65 -12.37 12.01
CA ASP A 495 -15.52 -12.13 10.86
C ASP A 495 -14.87 -11.15 9.88
N LYS A 496 -15.26 -11.25 8.63
CA LYS A 496 -14.89 -10.28 7.60
C LYS A 496 -15.90 -9.13 7.64
N VAL A 497 -15.39 -7.91 7.51
CA VAL A 497 -16.24 -6.72 7.53
C VAL A 497 -16.54 -6.35 6.08
N GLY A 498 -17.75 -6.67 5.63
CA GLY A 498 -18.20 -6.34 4.30
C GLY A 498 -19.69 -6.58 4.18
N PRO A 499 -20.20 -6.56 2.94
CA PRO A 499 -21.62 -6.88 2.74
C PRO A 499 -22.02 -8.27 3.23
N GLU A 500 -21.11 -9.24 3.17
CA GLU A 500 -21.45 -10.62 3.51
C GLU A 500 -21.73 -10.82 5.00
N THR A 501 -21.55 -9.81 5.84
CA THR A 501 -21.64 -9.98 7.28
C THR A 501 -22.50 -8.90 7.93
N GLU A 502 -23.43 -8.31 7.18
CA GLU A 502 -24.20 -7.18 7.70
C GLU A 502 -25.24 -7.59 8.74
N GLU A 503 -25.52 -8.89 8.87
N GLU A 503 -25.53 -8.88 8.90
CA GLU A 503 -26.41 -9.36 9.92
CA GLU A 503 -26.43 -9.30 9.96
C GLU A 503 -25.70 -9.42 11.27
C GLU A 503 -25.72 -9.52 11.29
N ILE A 504 -24.40 -9.74 11.26
CA ILE A 504 -23.62 -9.74 12.50
C ILE A 504 -23.35 -8.31 12.93
N PHE A 505 -22.80 -7.50 12.03
CA PHE A 505 -22.51 -6.09 12.30
C PHE A 505 -23.66 -5.27 11.76
N ASN A 506 -24.68 -5.06 12.60
CA ASN A 506 -25.96 -4.52 12.19
C ASN A 506 -26.23 -3.18 12.85
N ASP A 507 -27.42 -2.63 12.57
CA ASP A 507 -27.85 -1.36 13.13
C ASP A 507 -27.44 -1.19 14.60
N SER A 508 -27.84 -2.16 15.43
CA SER A 508 -27.57 -2.06 16.86
C SER A 508 -26.08 -1.98 17.12
N PHE A 509 -25.33 -2.95 16.62
CA PHE A 509 -23.89 -2.99 16.80
C PHE A 509 -23.27 -1.63 16.52
N TRP A 510 -23.52 -1.09 15.32
CA TRP A 510 -22.87 0.15 14.91
C TRP A 510 -23.32 1.33 15.74
N GLU A 511 -24.62 1.41 16.05
CA GLU A 511 -25.12 2.58 16.77
C GLU A 511 -24.68 2.59 18.22
N SER A 512 -24.36 1.44 18.79
CA SER A 512 -23.80 1.43 20.14
C SER A 512 -22.43 2.09 20.19
N LEU A 513 -21.66 2.01 19.11
CA LEU A 513 -20.25 2.34 19.15
C LEU A 513 -20.02 3.83 19.36
N ASP A 514 -18.95 4.14 20.10
CA ASP A 514 -18.48 5.52 20.20
C ASP A 514 -17.63 5.91 19.00
N PHE A 515 -16.72 5.04 18.58
CA PHE A 515 -15.97 5.30 17.35
C PHE A 515 -15.33 4.02 16.82
N VAL A 516 -14.79 4.16 15.62
CA VAL A 516 -14.23 3.05 14.86
C VAL A 516 -12.79 3.36 14.53
N THR A 517 -11.98 2.32 14.45
CA THR A 517 -10.57 2.42 14.07
C THR A 517 -10.29 1.32 13.06
N ASN A 518 -9.57 1.68 12.00
CA ASN A 518 -9.28 0.77 10.91
C ASN A 518 -7.80 0.42 10.93
N ALA A 519 -7.50 -0.87 10.96
CA ALA A 519 -6.12 -1.35 10.87
C ALA A 519 -5.99 -2.37 9.75
N LEU A 520 -6.45 -1.99 8.55
CA LEU A 520 -6.45 -2.88 7.40
C LEU A 520 -5.77 -2.20 6.22
N ASP A 521 -5.13 -2.99 5.38
CA ASP A 521 -4.40 -2.46 4.24
C ASP A 521 -5.29 -2.26 3.01
N ASN A 522 -5.99 -3.32 2.60
CA ASN A 522 -6.61 -3.33 1.28
C ASN A 522 -7.71 -2.26 1.18
N VAL A 523 -7.86 -1.72 -0.03
CA VAL A 523 -8.73 -0.57 -0.23
C VAL A 523 -10.20 -0.93 -0.12
N ASP A 524 -10.56 -2.18 -0.44
CA ASP A 524 -11.97 -2.58 -0.41
C ASP A 524 -12.53 -2.53 1.01
N ALA A 525 -11.88 -3.24 1.93
CA ALA A 525 -12.29 -3.21 3.33
C ALA A 525 -12.34 -1.79 3.86
N ARG A 526 -11.37 -0.97 3.48
CA ARG A 526 -11.28 0.39 4.01
C ARG A 526 -12.43 1.24 3.53
N THR A 527 -12.74 1.20 2.23
CA THR A 527 -13.88 1.98 1.73
C THR A 527 -15.19 1.49 2.34
N TYR A 528 -15.31 0.17 2.56
CA TYR A 528 -16.56 -0.33 3.14
C TYR A 528 -16.74 0.19 4.57
N VAL A 529 -15.72 0.03 5.42
CA VAL A 529 -15.82 0.51 6.79
C VAL A 529 -16.04 2.01 6.81
N ASP A 530 -15.35 2.74 5.92
CA ASP A 530 -15.53 4.18 5.85
C ASP A 530 -16.98 4.55 5.51
N ARG A 531 -17.59 3.83 4.57
CA ARG A 531 -18.96 4.13 4.18
C ARG A 531 -19.95 3.73 5.28
N ARG A 532 -19.65 2.66 6.03
CA ARG A 532 -20.44 2.37 7.22
C ARG A 532 -20.39 3.54 8.19
N CYS A 533 -19.19 4.06 8.45
CA CYS A 533 -19.05 5.16 9.40
C CYS A 533 -19.73 6.43 8.90
N VAL A 534 -19.80 6.62 7.58
CA VAL A 534 -20.59 7.74 7.06
C VAL A 534 -22.07 7.49 7.26
N PHE A 535 -22.51 6.24 7.05
CA PHE A 535 -23.92 5.92 7.19
C PHE A 535 -24.39 6.13 8.63
N TYR A 536 -23.70 5.51 9.58
CA TYR A 536 -24.08 5.58 10.99
C TYR A 536 -23.57 6.85 11.68
N ARG A 537 -22.92 7.75 10.95
CA ARG A 537 -22.34 8.96 11.52
C ARG A 537 -21.49 8.62 12.75
N LYS A 538 -20.44 7.83 12.51
CA LYS A 538 -19.46 7.51 13.54
C LYS A 538 -18.11 8.11 13.18
N PRO A 539 -17.29 8.48 14.17
CA PRO A 539 -15.92 8.89 13.85
C PRO A 539 -15.06 7.69 13.50
N LEU A 540 -14.13 7.89 12.57
CA LEU A 540 -13.25 6.84 12.08
C LEU A 540 -11.80 7.30 12.18
N LEU A 541 -10.95 6.45 12.74
CA LEU A 541 -9.52 6.70 12.83
C LEU A 541 -8.80 5.81 11.82
N GLU A 542 -8.15 6.44 10.83
CA GLU A 542 -7.47 5.75 9.75
C GLU A 542 -5.97 5.98 9.86
N SER A 543 -5.20 4.96 9.46
CA SER A 543 -3.75 5.06 9.44
C SER A 543 -3.21 4.15 8.34
N GLY A 544 -2.00 4.45 7.91
CA GLY A 544 -1.33 3.59 6.95
C GLY A 544 0.16 3.79 6.99
N THR A 545 0.89 2.77 6.55
CA THR A 545 2.34 2.87 6.42
C THR A 545 2.80 2.22 5.11
N LEU A 546 3.92 2.73 4.62
CA LEU A 546 4.59 2.23 3.41
C LEU A 546 6.07 2.37 3.72
N GLY A 547 6.68 1.29 4.22
CA GLY A 547 8.05 1.37 4.70
C GLY A 547 8.21 2.47 5.72
N THR A 548 9.19 3.35 5.49
CA THR A 548 9.50 4.43 6.43
C THR A 548 8.51 5.59 6.36
N LYS A 549 7.52 5.53 5.48
CA LYS A 549 6.49 6.56 5.39
C LYS A 549 5.21 6.10 6.09
N GLY A 550 4.47 7.07 6.64
CA GLY A 550 3.21 6.74 7.27
C GLY A 550 2.30 7.95 7.35
N ASN A 551 1.02 7.69 7.62
CA ASN A 551 0.05 8.76 7.73
C ASN A 551 -1.09 8.37 8.65
N THR A 552 -1.75 9.40 9.20
CA THR A 552 -2.95 9.27 10.00
C THR A 552 -4.01 10.24 9.49
N GLN A 553 -5.27 9.80 9.51
CA GLN A 553 -6.41 10.59 9.05
C GLN A 553 -7.57 10.42 10.02
N VAL A 554 -8.20 11.53 10.39
CA VAL A 554 -9.39 11.52 11.24
C VAL A 554 -10.61 11.84 10.37
N ILE A 555 -11.68 11.07 10.53
CA ILE A 555 -12.94 11.31 9.83
C ILE A 555 -13.98 11.61 10.90
N ILE A 556 -14.44 12.85 10.95
CA ILE A 556 -15.35 13.33 11.99
C ILE A 556 -16.71 13.58 11.37
N PRO A 557 -17.78 12.97 11.89
CA PRO A 557 -19.12 13.22 11.34
C PRO A 557 -19.46 14.69 11.21
N ARG A 558 -20.27 15.00 10.20
CA ARG A 558 -20.77 16.35 9.93
C ARG A 558 -19.65 17.39 9.92
N LEU A 559 -18.39 16.97 9.72
CA LEU A 559 -17.28 17.90 9.84
C LEU A 559 -16.24 17.74 8.75
N THR A 560 -15.72 16.53 8.54
CA THR A 560 -14.58 16.33 7.65
C THR A 560 -14.95 15.44 6.47
N GLU A 561 -14.04 15.38 5.50
CA GLU A 561 -14.15 14.40 4.44
C GLU A 561 -14.09 12.99 5.04
N SER A 562 -14.46 12.01 4.22
CA SER A 562 -14.35 10.61 4.60
C SER A 562 -13.03 10.06 4.03
N TYR A 563 -12.75 8.79 4.34
CA TYR A 563 -11.55 8.17 3.77
C TYR A 563 -11.68 7.99 2.26
N SER A 564 -12.86 7.54 1.81
CA SER A 564 -13.05 7.27 0.39
C SER A 564 -12.98 8.54 -0.45
N SER A 565 -13.31 9.69 0.15
CA SER A 565 -13.32 10.93 -0.59
C SER A 565 -11.93 11.36 -1.06
N SER A 566 -10.88 10.88 -0.40
CA SER A 566 -9.52 11.36 -0.65
C SER A 566 -8.54 10.23 -0.89
N ARG A 567 -9.00 9.01 -1.14
CA ARG A 567 -8.11 7.87 -1.19
C ARG A 567 -7.21 7.92 -2.42
N ASP A 568 -6.02 7.33 -2.29
CA ASP A 568 -5.00 7.42 -3.31
C ASP A 568 -5.31 6.51 -4.50
N PRO A 569 -4.82 6.86 -5.68
CA PRO A 569 -5.06 6.03 -6.87
C PRO A 569 -4.24 4.76 -6.81
N PRO A 570 -4.82 3.61 -7.18
CA PRO A 570 -4.08 2.35 -7.08
C PRO A 570 -2.95 2.28 -8.08
N GLU A 571 -2.10 1.25 -7.90
CA GLU A 571 -0.85 1.18 -8.65
C GLU A 571 -1.11 0.95 -10.14
N LYS A 572 -0.26 1.57 -10.95
CA LYS A 572 -0.27 1.35 -12.39
C LYS A 572 -0.29 -0.13 -12.72
N SER A 573 -1.10 -0.49 -13.70
CA SER A 573 -1.12 -1.84 -14.25
C SER A 573 -0.29 -1.88 -15.53
N ILE A 574 0.28 -3.04 -15.83
CA ILE A 574 1.17 -3.15 -16.97
C ILE A 574 0.35 -3.20 -18.25
N PRO A 575 0.62 -2.35 -19.23
CA PRO A 575 -0.11 -2.44 -20.50
C PRO A 575 0.08 -3.80 -21.16
N LEU A 576 -1.03 -4.36 -21.65
CA LEU A 576 -1.03 -5.70 -22.23
C LEU A 576 -0.01 -5.85 -23.35
N CYS A 577 0.07 -4.87 -24.25
CA CYS A 577 0.94 -4.98 -25.42
C CYS A 577 2.41 -5.06 -25.01
N THR A 578 2.85 -4.11 -24.18
CA THR A 578 4.20 -4.14 -23.64
C THR A 578 4.50 -5.48 -22.99
N LEU A 579 3.54 -5.97 -22.19
CA LEU A 579 3.71 -7.27 -21.53
C LEU A 579 3.98 -8.37 -22.54
N ARG A 580 3.13 -8.47 -23.57
CA ARG A 580 3.20 -9.62 -24.47
C ARG A 580 4.48 -9.61 -25.30
N SER A 581 4.82 -8.46 -25.90
CA SER A 581 5.88 -8.47 -26.91
C SER A 581 7.03 -7.50 -26.68
N PHE A 582 6.86 -6.44 -25.89
CA PHE A 582 7.81 -5.33 -25.87
C PHE A 582 8.17 -4.91 -24.45
N PRO A 583 8.69 -5.84 -23.64
CA PRO A 583 9.14 -5.45 -22.30
C PRO A 583 10.38 -4.58 -22.34
N ASN A 584 10.48 -3.70 -21.34
CA ASN A 584 11.67 -2.90 -21.12
C ASN A 584 12.05 -2.80 -19.66
N LYS A 585 11.34 -3.49 -18.76
CA LYS A 585 11.66 -3.50 -17.34
C LYS A 585 11.49 -4.91 -16.81
N ILE A 586 12.29 -5.24 -15.78
CA ILE A 586 12.21 -6.57 -15.20
C ILE A 586 10.81 -6.86 -14.67
N ASP A 587 10.03 -5.82 -14.34
CA ASP A 587 8.66 -6.05 -13.88
C ASP A 587 7.84 -6.78 -14.94
N HIS A 588 8.04 -6.41 -16.21
CA HIS A 588 7.27 -7.03 -17.29
C HIS A 588 7.64 -8.49 -17.44
N THR A 589 8.93 -8.79 -17.43
CA THR A 589 9.38 -10.16 -17.58
C THR A 589 8.93 -11.00 -16.40
N ILE A 590 8.92 -10.41 -15.19
CA ILE A 590 8.45 -11.13 -14.01
C ILE A 590 6.97 -11.46 -14.15
N ALA A 591 6.16 -10.48 -14.57
CA ALA A 591 4.73 -10.72 -14.73
C ALA A 591 4.45 -11.79 -15.77
N TRP A 592 5.14 -11.71 -16.92
CA TRP A 592 5.02 -12.71 -17.97
C TRP A 592 5.40 -14.10 -17.46
N ALA A 593 6.49 -14.19 -16.70
CA ALA A 593 6.89 -15.46 -16.13
C ALA A 593 5.82 -16.02 -15.20
N LYS A 594 5.15 -15.15 -14.44
CA LYS A 594 4.08 -15.61 -13.56
C LYS A 594 2.92 -16.21 -14.37
N SER A 595 2.49 -15.48 -15.41
CA SER A 595 1.48 -16.04 -16.31
C SER A 595 1.88 -17.45 -16.77
N LEU A 596 3.11 -17.59 -17.24
CA LEU A 596 3.57 -18.87 -17.76
C LEU A 596 3.53 -19.94 -16.69
N PHE A 597 3.93 -19.60 -15.46
CA PHE A 597 3.81 -20.54 -14.34
C PHE A 597 2.37 -21.03 -14.22
N GLN A 598 1.43 -20.08 -14.18
CA GLN A 598 0.01 -20.43 -14.05
C GLN A 598 -0.40 -21.43 -15.12
N GLY A 599 -0.02 -21.15 -16.37
CA GLY A 599 -0.47 -22.02 -17.46
C GLY A 599 0.20 -23.38 -17.45
N TYR A 600 1.52 -23.40 -17.29
CA TYR A 600 2.27 -24.65 -17.30
C TYR A 600 1.77 -25.60 -16.21
N PHE A 601 1.71 -25.11 -14.97
CA PHE A 601 1.71 -26.01 -13.81
C PHE A 601 0.42 -26.03 -13.02
N THR A 602 -0.50 -25.08 -13.25
CA THR A 602 -1.77 -25.05 -12.53
C THR A 602 -2.94 -25.27 -13.48
N ASP A 603 -3.12 -24.40 -14.48
CA ASP A 603 -4.29 -24.45 -15.34
C ASP A 603 -4.36 -25.75 -16.12
N SER A 604 -3.25 -26.17 -16.73
CA SER A 604 -3.26 -27.36 -17.58
C SER A 604 -3.69 -28.60 -16.80
N ALA A 605 -3.22 -28.75 -15.57
CA ALA A 605 -3.57 -29.91 -14.76
C ALA A 605 -5.06 -29.91 -14.42
N GLU A 606 -5.58 -28.76 -13.99
CA GLU A 606 -7.01 -28.64 -13.72
C GLU A 606 -7.84 -29.00 -14.93
N ASN A 607 -7.42 -28.54 -16.12
CA ASN A 607 -8.18 -28.80 -17.33
C ASN A 607 -8.17 -30.30 -17.69
N VAL A 608 -6.98 -30.92 -17.62
CA VAL A 608 -6.90 -32.35 -17.90
C VAL A 608 -7.82 -33.13 -16.95
N ASN A 609 -7.82 -32.78 -15.66
CA ASN A 609 -8.63 -33.52 -14.70
C ASN A 609 -10.11 -33.36 -14.99
N MET A 610 -10.55 -32.14 -15.28
CA MET A 610 -11.96 -31.96 -15.64
C MET A 610 -12.32 -32.81 -16.86
N TYR A 611 -11.46 -32.83 -17.87
CA TYR A 611 -11.79 -33.60 -19.07
C TYR A 611 -11.86 -35.09 -18.78
N LEU A 612 -11.01 -35.59 -17.88
CA LEU A 612 -11.02 -37.02 -17.60
C LEU A 612 -12.18 -37.43 -16.69
N THR A 613 -12.63 -36.54 -15.79
CA THR A 613 -13.66 -36.92 -14.83
C THR A 613 -15.07 -36.58 -15.31
N GLN A 614 -15.25 -35.46 -15.99
CA GLN A 614 -16.60 -35.05 -16.39
C GLN A 614 -16.96 -35.65 -17.76
N PRO A 615 -18.22 -36.04 -17.97
CA PRO A 615 -18.57 -36.79 -19.19
C PRO A 615 -18.96 -35.90 -20.36
N ASN A 616 -19.53 -34.72 -20.09
CA ASN A 616 -19.94 -33.79 -21.14
C ASN A 616 -18.97 -32.62 -21.27
N PHE A 617 -17.71 -32.80 -20.85
CA PHE A 617 -16.77 -31.70 -20.80
C PHE A 617 -16.62 -31.03 -22.16
N VAL A 618 -16.43 -31.82 -23.21
CA VAL A 618 -16.16 -31.27 -24.54
C VAL A 618 -17.38 -30.52 -25.07
N GLU A 619 -18.54 -31.15 -24.97
CA GLU A 619 -19.80 -30.52 -25.36
C GLU A 619 -20.02 -29.20 -24.63
N GLN A 620 -19.88 -29.22 -23.31
CA GLN A 620 -20.10 -28.00 -22.52
C GLN A 620 -19.11 -26.92 -22.92
N THR A 621 -17.81 -27.26 -23.01
CA THR A 621 -16.81 -26.26 -23.35
C THR A 621 -17.12 -25.63 -24.70
N LEU A 622 -17.64 -26.41 -25.64
CA LEU A 622 -18.09 -25.83 -26.90
C LEU A 622 -19.22 -24.84 -26.66
N LYS A 623 -20.14 -25.16 -25.74
CA LYS A 623 -21.32 -24.32 -25.57
C LYS A 623 -20.97 -22.96 -24.99
N GLN A 624 -20.16 -22.91 -23.93
CA GLN A 624 -19.96 -21.68 -23.15
C GLN A 624 -18.50 -21.55 -22.71
N SER A 625 -17.70 -20.97 -23.60
CA SER A 625 -16.31 -20.65 -23.27
C SER A 625 -15.72 -19.72 -24.33
N GLY A 626 -15.12 -18.61 -23.91
CA GLY A 626 -14.50 -17.71 -24.87
C GLY A 626 -13.29 -18.33 -25.54
N ASP A 627 -12.39 -18.89 -24.74
CA ASP A 627 -11.15 -19.48 -25.26
C ASP A 627 -11.29 -21.00 -25.30
N VAL A 628 -12.13 -21.46 -26.22
CA VAL A 628 -12.28 -22.90 -26.46
C VAL A 628 -10.97 -23.50 -26.94
N LYS A 629 -10.37 -22.87 -27.96
CA LYS A 629 -9.13 -23.36 -28.54
C LYS A 629 -8.03 -23.49 -27.50
N GLY A 630 -7.89 -22.49 -26.63
CA GLY A 630 -6.86 -22.55 -25.61
C GLY A 630 -7.03 -23.74 -24.68
N VAL A 631 -8.26 -23.94 -24.19
CA VAL A 631 -8.53 -25.04 -23.27
C VAL A 631 -8.23 -26.39 -23.93
N LEU A 632 -8.72 -26.59 -25.15
CA LEU A 632 -8.55 -27.89 -25.80
C LEU A 632 -7.10 -28.13 -26.19
N GLU A 633 -6.40 -27.10 -26.68
CA GLU A 633 -4.98 -27.26 -26.99
C GLU A 633 -4.19 -27.60 -25.74
N SER A 634 -4.48 -26.91 -24.63
CA SER A 634 -3.84 -27.24 -23.37
C SER A 634 -4.00 -28.71 -23.04
N ILE A 635 -5.24 -29.19 -23.07
CA ILE A 635 -5.52 -30.59 -22.73
C ILE A 635 -4.74 -31.52 -23.66
N SER A 636 -4.85 -31.30 -24.96
CA SER A 636 -4.29 -32.24 -25.92
C SER A 636 -2.77 -32.27 -25.81
N ASP A 637 -2.13 -31.11 -25.62
CA ASP A 637 -0.68 -31.11 -25.43
C ASP A 637 -0.29 -31.82 -24.15
N SER A 638 -1.02 -31.54 -23.06
CA SER A 638 -0.73 -32.19 -21.78
C SER A 638 -0.80 -33.71 -21.91
N LEU A 639 -1.72 -34.22 -22.72
CA LEU A 639 -1.91 -35.66 -22.83
C LEU A 639 -1.09 -36.30 -23.95
N SER A 640 -0.68 -35.51 -24.94
CA SER A 640 0.15 -36.03 -26.01
C SER A 640 1.61 -36.12 -25.58
N SER A 641 2.04 -35.26 -24.66
CA SER A 641 3.42 -35.30 -24.20
C SER A 641 3.68 -36.56 -23.39
N LYS A 642 2.93 -36.76 -22.30
CA LYS A 642 3.05 -37.89 -21.40
C LYS A 642 4.51 -38.25 -21.11
N PRO A 643 5.13 -37.60 -20.12
CA PRO A 643 6.47 -38.03 -19.68
C PRO A 643 6.38 -39.25 -18.79
N HIS A 644 7.23 -40.25 -19.07
CA HIS A 644 7.31 -41.44 -18.23
C HIS A 644 8.51 -41.45 -17.30
N ASN A 645 9.52 -40.61 -17.56
CA ASN A 645 10.70 -40.52 -16.72
C ASN A 645 11.11 -39.06 -16.58
N PHE A 646 11.80 -38.77 -15.47
CA PHE A 646 12.30 -37.41 -15.24
C PHE A 646 13.20 -36.95 -16.39
N GLU A 647 13.87 -37.89 -17.05
CA GLU A 647 14.57 -37.58 -18.29
C GLU A 647 13.68 -36.76 -19.21
N ASP A 648 12.43 -37.20 -19.39
CA ASP A 648 11.52 -36.50 -20.29
C ASP A 648 11.08 -35.15 -19.73
N CYS A 649 11.02 -35.01 -18.41
CA CYS A 649 10.71 -33.70 -17.84
C CYS A 649 11.82 -32.70 -18.14
N ILE A 650 13.09 -33.15 -18.03
CA ILE A 650 14.21 -32.31 -18.43
C ILE A 650 14.10 -31.94 -19.90
N LYS A 651 13.81 -32.94 -20.75
CA LYS A 651 13.69 -32.70 -22.18
C LYS A 651 12.58 -31.70 -22.48
N TRP A 652 11.45 -31.82 -21.77
CA TRP A 652 10.33 -30.91 -21.96
C TRP A 652 10.71 -29.49 -21.59
N ALA A 653 11.39 -29.32 -20.46
CA ALA A 653 11.82 -27.98 -20.06
C ALA A 653 12.76 -27.37 -21.10
N ARG A 654 13.70 -28.17 -21.61
CA ARG A 654 14.65 -27.66 -22.60
C ARG A 654 13.95 -27.27 -23.90
N LEU A 655 12.95 -28.06 -24.32
CA LEU A 655 12.22 -27.72 -25.53
C LEU A 655 11.37 -26.47 -25.33
N GLU A 656 10.81 -26.29 -24.12
CA GLU A 656 10.08 -25.06 -23.83
C GLU A 656 11.01 -23.86 -23.86
N PHE A 657 12.23 -24.02 -23.34
CA PHE A 657 13.24 -22.97 -23.46
C PHE A 657 13.42 -22.57 -24.92
N GLU A 658 13.63 -23.56 -25.79
CA GLU A 658 13.82 -23.26 -27.20
C GLU A 658 12.60 -22.53 -27.78
N LYS A 659 11.40 -23.00 -27.44
CA LYS A 659 10.18 -22.39 -27.97
C LYS A 659 10.08 -20.93 -27.56
N LYS A 660 10.29 -20.64 -26.27
CA LYS A 660 9.99 -19.32 -25.74
C LYS A 660 11.11 -18.30 -25.93
N PHE A 661 12.37 -18.73 -25.92
CA PHE A 661 13.50 -17.80 -25.98
C PHE A 661 14.31 -17.95 -27.26
N ASN A 662 13.86 -18.79 -28.20
CA ASN A 662 14.49 -18.82 -29.51
C ASN A 662 13.43 -18.68 -30.60
N HIS A 663 12.52 -19.65 -30.68
CA HIS A 663 11.60 -19.69 -31.81
C HIS A 663 10.59 -18.54 -31.76
N ASP A 664 9.97 -18.32 -30.60
CA ASP A 664 9.01 -17.22 -30.50
C ASP A 664 9.67 -15.89 -30.83
N ILE A 665 10.90 -15.68 -30.35
CA ILE A 665 11.63 -14.45 -30.65
C ILE A 665 11.93 -14.35 -32.14
N LYS A 666 12.34 -15.48 -32.76
CA LYS A 666 12.62 -15.45 -34.19
C LYS A 666 11.35 -15.15 -34.99
N GLN A 667 10.20 -15.68 -34.54
CA GLN A 667 8.93 -15.37 -35.17
C GLN A 667 8.61 -13.88 -35.06
N LEU A 668 8.86 -13.30 -33.88
CA LEU A 668 8.62 -11.87 -33.69
C LEU A 668 9.50 -11.05 -34.63
N LEU A 669 10.78 -11.39 -34.75
CA LEU A 669 11.67 -10.65 -35.64
C LEU A 669 11.30 -10.88 -37.11
N PHE A 670 10.75 -12.05 -37.41
CA PHE A 670 10.21 -12.29 -38.75
C PHE A 670 9.11 -11.28 -39.07
N ASN A 671 8.17 -11.11 -38.14
CA ASN A 671 7.09 -10.15 -38.38
C ASN A 671 7.62 -8.73 -38.53
N PHE A 672 8.53 -8.33 -37.64
CA PHE A 672 9.08 -6.97 -37.63
C PHE A 672 10.59 -7.02 -37.52
N PRO A 673 11.32 -6.94 -38.64
CA PRO A 673 12.78 -6.98 -38.58
C PRO A 673 13.38 -5.81 -37.80
N LYS A 674 14.64 -5.99 -37.40
CA LYS A 674 15.30 -4.99 -36.57
C LYS A 674 15.42 -3.65 -37.27
N ASP A 675 15.55 -3.65 -38.60
CA ASP A 675 15.58 -2.41 -39.37
C ASP A 675 14.26 -2.16 -40.10
N ALA A 676 13.19 -2.84 -39.68
CA ALA A 676 11.89 -2.61 -40.27
C ALA A 676 11.42 -1.19 -39.99
N LYS A 677 10.88 -0.54 -41.01
CA LYS A 677 10.38 0.82 -40.89
C LYS A 677 8.86 0.82 -40.86
N THR A 678 8.30 1.65 -39.97
CA THR A 678 6.86 1.78 -39.86
C THR A 678 6.29 2.49 -41.09
N SER A 679 4.96 2.46 -41.21
CA SER A 679 4.31 3.28 -42.23
C SER A 679 4.66 4.75 -42.04
N ASN A 680 4.91 5.16 -40.80
CA ASN A 680 5.35 6.52 -40.52
C ASN A 680 6.61 6.87 -41.30
N GLY A 681 7.50 5.89 -41.48
CA GLY A 681 8.79 6.11 -42.10
C GLY A 681 9.96 6.00 -41.12
N GLU A 682 9.68 5.90 -39.83
CA GLU A 682 10.68 5.76 -38.79
C GLU A 682 10.82 4.30 -38.42
N PRO A 683 11.87 3.94 -37.66
CA PRO A 683 12.05 2.53 -37.29
C PRO A 683 10.93 2.01 -36.41
N PHE A 684 10.63 0.71 -36.60
CA PHE A 684 9.65 0.04 -35.76
C PHE A 684 10.17 -0.11 -34.34
N TRP A 685 11.46 -0.39 -34.19
CA TRP A 685 12.05 -0.67 -32.88
C TRP A 685 12.74 0.58 -32.33
N SER A 686 11.90 1.54 -31.93
CA SER A 686 12.38 2.76 -31.29
C SER A 686 11.66 2.95 -29.97
N GLY A 687 12.28 3.75 -29.10
CA GLY A 687 11.67 4.05 -27.81
C GLY A 687 11.76 2.86 -26.88
N ALA A 688 10.64 2.52 -26.24
CA ALA A 688 10.57 1.40 -25.32
C ALA A 688 10.45 0.05 -26.03
N LYS A 689 10.73 0.00 -27.32
CA LYS A 689 10.76 -1.25 -28.07
C LYS A 689 12.22 -1.61 -28.30
N ARG A 690 12.73 -2.56 -27.51
CA ARG A 690 14.10 -3.03 -27.63
C ARG A 690 14.10 -4.30 -28.47
N ALA A 691 14.89 -4.30 -29.53
CA ALA A 691 14.91 -5.45 -30.44
C ALA A 691 15.55 -6.64 -29.75
N PRO A 692 14.88 -7.78 -29.63
CA PRO A 692 15.48 -8.93 -28.96
C PRO A 692 16.42 -9.71 -29.87
N THR A 693 17.27 -10.51 -29.23
CA THR A 693 18.05 -11.51 -29.92
C THR A 693 17.70 -12.88 -29.35
N PRO A 694 17.51 -13.90 -30.18
CA PRO A 694 17.19 -15.23 -29.64
C PRO A 694 18.36 -15.83 -28.89
N LEU A 695 18.05 -16.58 -27.84
CA LEU A 695 19.05 -17.16 -26.98
C LEU A 695 19.51 -18.50 -27.54
N GLU A 696 20.79 -18.82 -27.29
CA GLU A 696 21.35 -20.14 -27.54
C GLU A 696 21.58 -20.81 -26.19
N PHE A 697 20.88 -21.91 -25.94
CA PHE A 697 20.92 -22.53 -24.62
C PHE A 697 22.34 -22.85 -24.21
N ASP A 698 22.72 -22.39 -23.02
CA ASP A 698 24.05 -22.60 -22.45
C ASP A 698 23.87 -23.05 -21.00
N ILE A 699 24.15 -24.33 -20.74
CA ILE A 699 23.87 -24.89 -19.42
C ILE A 699 24.69 -24.22 -18.33
N TYR A 700 25.78 -23.57 -18.68
CA TYR A 700 26.60 -22.87 -17.70
C TYR A 700 26.09 -21.47 -17.40
N ASN A 701 25.21 -20.93 -18.24
CA ASN A 701 24.48 -19.73 -17.86
C ASN A 701 23.46 -20.09 -16.78
N ASN A 702 23.54 -19.39 -15.65
CA ASN A 702 22.76 -19.77 -14.47
C ASN A 702 21.26 -19.76 -14.73
N ASP A 703 20.78 -18.80 -15.53
CA ASP A 703 19.34 -18.67 -15.75
C ASP A 703 18.80 -19.78 -16.63
N HIS A 704 19.51 -20.12 -17.71
CA HIS A 704 19.10 -21.25 -18.54
C HIS A 704 19.01 -22.53 -17.71
N PHE A 705 20.08 -22.81 -16.97
CA PHE A 705 20.15 -23.98 -16.12
C PHE A 705 18.96 -24.06 -15.17
N HIS A 706 18.70 -22.97 -14.45
CA HIS A 706 17.64 -23.03 -13.43
C HIS A 706 16.25 -22.99 -14.05
N PHE A 707 16.08 -22.43 -15.25
CA PHE A 707 14.82 -22.62 -15.96
C PHE A 707 14.57 -24.11 -16.18
N VAL A 708 15.56 -24.81 -16.72
CA VAL A 708 15.38 -26.25 -16.96
C VAL A 708 15.11 -26.98 -15.65
N VAL A 709 15.89 -26.68 -14.62
CA VAL A 709 15.76 -27.38 -13.34
C VAL A 709 14.35 -27.18 -12.78
N ALA A 710 13.92 -25.93 -12.65
CA ALA A 710 12.63 -25.64 -12.01
C ALA A 710 11.47 -26.16 -12.85
N GLY A 711 11.51 -25.96 -14.18
CA GLY A 711 10.43 -26.44 -15.01
C GLY A 711 10.31 -27.95 -15.00
N ALA A 712 11.44 -28.65 -15.10
CA ALA A 712 11.41 -30.10 -15.08
C ALA A 712 10.90 -30.61 -13.74
N SER A 713 11.29 -29.96 -12.64
CA SER A 713 10.81 -30.40 -11.33
C SER A 713 9.31 -30.19 -11.18
N LEU A 714 8.80 -29.04 -11.65
CA LEU A 714 7.39 -28.75 -11.47
C LEU A 714 6.52 -29.61 -12.39
N ARG A 715 6.97 -29.85 -13.62
CA ARG A 715 6.27 -30.81 -14.46
C ARG A 715 6.31 -32.20 -13.84
N ALA A 716 7.45 -32.57 -13.23
CA ALA A 716 7.54 -33.85 -12.53
C ALA A 716 6.52 -33.92 -11.40
N TYR A 717 6.26 -32.78 -10.75
CA TYR A 717 5.19 -32.72 -9.76
C TYR A 717 3.83 -32.98 -10.43
N ASN A 718 3.54 -32.26 -11.52
CA ASN A 718 2.26 -32.41 -12.19
C ASN A 718 1.98 -33.87 -12.55
N TYR A 719 2.96 -34.53 -13.16
CA TYR A 719 2.81 -35.91 -13.65
C TYR A 719 3.30 -36.94 -12.64
N GLY A 720 3.43 -36.57 -11.37
CA GLY A 720 3.76 -37.53 -10.33
C GLY A 720 5.06 -38.27 -10.52
N ILE A 721 6.07 -37.62 -11.09
CA ILE A 721 7.40 -38.22 -11.16
C ILE A 721 8.22 -37.88 -9.91
N LYS A 722 7.87 -36.81 -9.20
CA LYS A 722 8.43 -36.55 -7.87
C LYS A 722 7.49 -35.64 -7.11
N SER A 723 7.06 -36.08 -5.93
CA SER A 723 6.25 -35.25 -5.05
C SER A 723 7.16 -34.22 -4.39
N ASP A 724 6.74 -33.66 -3.25
CA ASP A 724 7.60 -32.74 -2.52
C ASP A 724 8.76 -33.51 -1.90
N ASP A 725 9.69 -33.99 -2.74
CA ASP A 725 10.82 -34.78 -2.29
C ASP A 725 11.85 -34.95 -3.41
N SER A 726 12.91 -34.14 -3.36
CA SER A 726 14.01 -34.28 -4.30
C SER A 726 15.21 -33.49 -3.81
N ASN A 727 16.40 -34.10 -3.82
CA ASN A 727 17.60 -33.40 -3.40
C ASN A 727 17.83 -32.19 -4.29
N SER A 728 17.23 -31.06 -3.92
CA SER A 728 17.22 -29.88 -4.79
C SER A 728 18.45 -29.00 -4.54
N LYS A 729 19.61 -29.58 -4.83
CA LYS A 729 20.85 -28.82 -5.02
C LYS A 729 21.54 -29.48 -6.21
N PRO A 730 21.12 -29.14 -7.42
CA PRO A 730 21.43 -29.99 -8.58
C PRO A 730 22.82 -29.70 -9.16
N ASN A 731 23.27 -30.66 -9.96
CA ASN A 731 24.54 -30.58 -10.66
C ASN A 731 24.28 -30.34 -12.14
N VAL A 732 25.08 -29.46 -12.75
CA VAL A 732 24.95 -29.22 -14.18
C VAL A 732 25.14 -30.51 -14.96
N ASP A 733 25.98 -31.43 -14.47
CA ASP A 733 26.30 -32.63 -15.23
C ASP A 733 25.05 -33.46 -15.52
N GLU A 734 24.22 -33.67 -14.49
CA GLU A 734 23.02 -34.48 -14.66
C GLU A 734 22.18 -34.00 -15.83
N TYR A 735 21.98 -32.68 -15.93
CA TYR A 735 21.11 -32.12 -16.95
C TYR A 735 21.81 -31.98 -18.29
N LYS A 736 23.09 -31.60 -18.27
CA LYS A 736 23.87 -31.50 -19.49
C LYS A 736 23.93 -32.84 -20.21
N SER A 737 24.02 -33.93 -19.45
CA SER A 737 24.01 -35.27 -20.03
C SER A 737 22.76 -35.49 -20.87
N VAL A 738 21.60 -35.14 -20.33
CA VAL A 738 20.34 -35.34 -21.06
C VAL A 738 20.27 -34.39 -22.25
N ILE A 739 20.71 -33.14 -22.07
CA ILE A 739 20.41 -32.11 -23.06
C ILE A 739 21.32 -32.22 -24.28
N ASP A 740 22.57 -32.65 -24.10
CA ASP A 740 23.48 -32.71 -25.26
C ASP A 740 23.06 -33.78 -26.26
N HIS A 741 22.29 -34.79 -25.84
CA HIS A 741 21.85 -35.85 -26.73
C HIS A 741 20.51 -35.54 -27.40
N MET A 742 19.90 -34.40 -27.10
CA MET A 742 18.61 -34.06 -27.69
C MET A 742 18.80 -33.50 -29.10
N ILE A 743 17.84 -33.81 -29.96
CA ILE A 743 17.69 -33.11 -31.24
C ILE A 743 16.73 -31.96 -31.01
N ILE A 744 17.14 -30.76 -31.40
CA ILE A 744 16.32 -29.54 -31.20
C ILE A 744 15.72 -29.16 -32.53
N PRO A 745 14.40 -29.31 -32.72
CA PRO A 745 13.79 -28.94 -34.00
C PRO A 745 14.14 -27.52 -34.43
N GLU A 746 14.45 -27.36 -35.71
CA GLU A 746 14.81 -26.07 -36.25
C GLU A 746 13.60 -25.14 -36.27
N PHE A 747 13.86 -23.84 -36.38
CA PHE A 747 12.79 -22.86 -36.37
C PHE A 747 12.02 -22.91 -37.70
N THR A 748 10.75 -23.29 -37.63
CA THR A 748 9.86 -23.22 -38.78
C THR A 748 8.97 -21.98 -38.62
N PRO A 749 9.26 -20.86 -39.28
CA PRO A 749 8.34 -19.72 -39.24
C PRO A 749 7.01 -20.09 -39.85
N ASN A 750 5.95 -20.13 -39.05
CA ASN A 750 4.65 -20.62 -39.52
C ASN A 750 3.93 -19.55 -40.34
N ALA A 751 4.60 -19.11 -41.40
CA ALA A 751 3.95 -18.57 -42.58
C ALA A 751 3.64 -19.65 -43.60
N ASN A 752 3.66 -20.91 -43.16
CA ASN A 752 3.47 -22.06 -44.04
C ASN A 752 1.98 -22.38 -44.13
N LEU A 753 1.50 -22.59 -45.36
CA LEU A 753 0.09 -22.85 -45.60
C LEU A 753 -0.12 -23.58 -46.92
N SER A 772 -14.69 -24.35 -35.54
CA SER A 772 -15.41 -24.93 -36.68
C SER A 772 -14.53 -25.92 -37.43
N ASP A 773 -13.60 -25.41 -38.23
CA ASP A 773 -12.69 -26.28 -38.98
C ASP A 773 -11.55 -26.77 -38.08
N GLU A 774 -10.94 -25.86 -37.32
CA GLU A 774 -9.82 -26.22 -36.46
C GLU A 774 -10.27 -26.91 -35.17
N ILE A 775 -11.44 -26.53 -34.65
CA ILE A 775 -11.93 -27.11 -33.41
C ILE A 775 -12.18 -28.61 -33.58
N ASP A 776 -12.73 -29.01 -34.72
CA ASP A 776 -13.05 -30.41 -34.94
C ASP A 776 -11.78 -31.26 -35.00
N GLN A 777 -10.71 -30.72 -35.58
CA GLN A 777 -9.43 -31.43 -35.55
C GLN A 777 -8.91 -31.57 -34.13
N LEU A 778 -9.00 -30.49 -33.34
CA LEU A 778 -8.59 -30.60 -31.94
C LEU A 778 -9.34 -31.73 -31.23
N VAL A 779 -10.67 -31.71 -31.30
CA VAL A 779 -11.45 -32.70 -30.56
C VAL A 779 -11.19 -34.10 -31.10
N SER A 780 -10.94 -34.24 -32.40
CA SER A 780 -10.53 -35.53 -32.93
C SER A 780 -9.22 -36.00 -32.30
N SER A 781 -8.32 -35.06 -31.99
CA SER A 781 -7.03 -35.45 -31.44
C SER A 781 -7.15 -35.97 -30.00
N LEU A 782 -8.12 -35.47 -29.23
CA LEU A 782 -8.17 -35.79 -27.81
C LEU A 782 -8.25 -37.29 -27.61
N PRO A 783 -7.53 -37.84 -26.63
CA PRO A 783 -7.58 -39.29 -26.39
C PRO A 783 -8.87 -39.69 -25.68
N ASP A 784 -9.14 -40.99 -25.74
CA ASP A 784 -10.33 -41.55 -25.10
C ASP A 784 -10.06 -41.75 -23.61
N PRO A 785 -10.77 -41.07 -22.72
CA PRO A 785 -10.44 -41.17 -21.29
C PRO A 785 -10.38 -42.60 -20.76
N SER A 786 -11.14 -43.52 -21.36
CA SER A 786 -11.12 -44.91 -20.88
C SER A 786 -9.72 -45.49 -20.97
N THR A 787 -8.91 -45.05 -21.93
CA THR A 787 -7.53 -45.51 -22.05
C THR A 787 -6.61 -44.89 -21.02
N LEU A 788 -7.05 -43.81 -20.36
CA LEU A 788 -6.26 -43.16 -19.32
C LEU A 788 -6.88 -43.45 -17.95
N ALA A 789 -7.08 -44.73 -17.66
CA ALA A 789 -7.85 -45.14 -16.49
C ALA A 789 -6.99 -45.02 -15.23
N GLY A 790 -7.42 -44.16 -14.31
CA GLY A 790 -6.67 -43.91 -13.11
C GLY A 790 -5.58 -42.86 -13.26
N PHE A 791 -5.69 -42.00 -14.27
CA PHE A 791 -4.67 -41.01 -14.59
C PHE A 791 -5.10 -39.65 -14.06
N LYS A 792 -4.19 -38.98 -13.36
CA LYS A 792 -4.49 -37.70 -12.73
C LYS A 792 -3.28 -36.80 -12.77
N LEU A 793 -3.50 -35.52 -13.00
CA LEU A 793 -2.47 -34.50 -12.89
C LEU A 793 -2.66 -33.74 -11.57
N GLU A 794 -1.56 -33.49 -10.87
CA GLU A 794 -1.63 -32.84 -9.57
C GLU A 794 -1.27 -31.37 -9.72
N PRO A 795 -2.24 -30.46 -9.71
CA PRO A 795 -1.92 -29.04 -9.96
C PRO A 795 -1.09 -28.44 -8.83
N VAL A 796 -0.14 -27.59 -9.22
CA VAL A 796 0.69 -26.86 -8.27
C VAL A 796 -0.09 -25.67 -7.73
N ASP A 797 0.28 -25.23 -6.53
CA ASP A 797 -0.28 -24.03 -5.92
C ASP A 797 0.87 -23.12 -5.52
N PHE A 798 0.89 -21.91 -6.07
CA PHE A 798 2.05 -21.02 -5.98
C PHE A 798 2.26 -20.58 -4.54
N GLU A 799 3.29 -21.15 -3.89
CA GLU A 799 3.69 -20.80 -2.54
C GLU A 799 5.03 -20.07 -2.61
N LYS A 800 5.01 -18.76 -2.38
CA LYS A 800 6.23 -17.97 -2.51
C LYS A 800 7.13 -18.06 -1.28
N ASP A 801 6.56 -18.24 -0.10
CA ASP A 801 7.32 -18.27 1.15
C ASP A 801 7.86 -19.66 1.48
N ASP A 802 8.20 -20.44 0.44
CA ASP A 802 8.79 -21.77 0.61
C ASP A 802 9.88 -21.90 -0.45
N ASP A 803 11.14 -21.95 0.00
CA ASP A 803 12.26 -22.02 -0.92
C ASP A 803 12.51 -23.41 -1.48
N THR A 804 11.84 -24.43 -0.95
CA THR A 804 12.04 -25.80 -1.42
C THR A 804 11.41 -26.04 -2.78
N ASN A 805 10.33 -25.31 -3.10
CA ASN A 805 9.34 -25.76 -4.06
C ASN A 805 9.62 -25.37 -5.51
N HIS A 806 10.69 -24.63 -5.78
CA HIS A 806 11.12 -24.24 -7.12
C HIS A 806 10.24 -23.17 -7.76
N HIS A 807 9.26 -22.61 -7.05
CA HIS A 807 8.36 -21.67 -7.68
C HIS A 807 9.06 -20.35 -7.98
N ILE A 808 9.69 -19.75 -6.96
CA ILE A 808 10.43 -18.52 -7.20
C ILE A 808 11.64 -18.80 -8.07
N GLU A 809 12.24 -19.97 -7.95
CA GLU A 809 13.31 -20.37 -8.87
C GLU A 809 12.84 -20.26 -10.32
N PHE A 810 11.66 -20.83 -10.60
CA PHE A 810 11.14 -20.81 -11.95
C PHE A 810 10.87 -19.39 -12.42
N ILE A 811 10.17 -18.61 -11.59
CA ILE A 811 9.80 -17.26 -12.02
C ILE A 811 11.05 -16.41 -12.25
N THR A 812 12.02 -16.51 -11.34
CA THR A 812 13.27 -15.77 -11.50
C THR A 812 13.97 -16.15 -12.80
N ALA A 813 14.09 -17.46 -13.07
CA ALA A 813 14.86 -17.87 -14.25
C ALA A 813 14.11 -17.57 -15.54
N CYS A 814 12.79 -17.75 -15.55
CA CYS A 814 11.98 -17.45 -16.73
C CYS A 814 12.05 -15.96 -17.06
N SER A 815 11.80 -15.12 -16.05
CA SER A 815 11.94 -13.69 -16.23
C SER A 815 13.33 -13.33 -16.72
N ASN A 816 14.37 -13.95 -16.17
CA ASN A 816 15.72 -13.53 -16.51
C ASN A 816 16.10 -13.95 -17.92
N CYS A 817 15.63 -15.12 -18.40
CA CYS A 817 15.88 -15.47 -19.80
C CYS A 817 15.18 -14.50 -20.74
N ARG A 818 13.92 -14.15 -20.45
CA ARG A 818 13.27 -13.13 -21.26
C ARG A 818 14.00 -11.78 -21.17
N ALA A 819 14.54 -11.47 -19.99
CA ALA A 819 15.35 -10.26 -19.83
C ALA A 819 16.56 -10.31 -20.74
N GLN A 820 17.22 -11.48 -20.79
CA GLN A 820 18.34 -11.67 -21.72
C GLN A 820 17.90 -11.43 -23.16
N ASN A 821 16.67 -11.81 -23.49
CA ASN A 821 16.19 -11.60 -24.86
C ASN A 821 16.23 -10.11 -25.22
N TYR A 822 15.61 -9.26 -24.39
CA TYR A 822 15.45 -7.85 -24.68
C TYR A 822 16.50 -6.98 -24.01
N PHE A 823 17.60 -7.57 -23.56
CA PHE A 823 18.71 -6.82 -22.97
C PHE A 823 18.25 -6.02 -21.76
N ILE A 824 17.39 -6.62 -20.96
CA ILE A 824 16.99 -6.10 -19.66
C ILE A 824 17.85 -6.81 -18.61
N GLU A 825 18.31 -6.07 -17.61
CA GLU A 825 19.24 -6.64 -16.65
C GLU A 825 18.52 -7.54 -15.66
N THR A 826 19.14 -8.68 -15.36
CA THR A 826 18.51 -9.73 -14.59
C THR A 826 18.34 -9.32 -13.13
N ALA A 827 17.56 -10.13 -12.41
CA ALA A 827 17.28 -9.93 -11.00
C ALA A 827 17.38 -11.27 -10.29
N ASP A 828 17.82 -11.24 -9.03
CA ASP A 828 18.03 -12.45 -8.27
C ASP A 828 16.72 -12.93 -7.64
N ARG A 829 16.78 -14.05 -6.93
CA ARG A 829 15.59 -14.65 -6.36
C ARG A 829 14.87 -13.70 -5.41
N GLN A 830 15.62 -13.00 -4.56
CA GLN A 830 15.00 -12.16 -3.53
C GLN A 830 14.30 -10.95 -4.15
N LYS A 831 14.96 -10.31 -5.12
CA LYS A 831 14.34 -9.18 -5.82
C LYS A 831 13.13 -9.62 -6.64
N THR A 832 13.28 -10.73 -7.36
CA THR A 832 12.16 -11.28 -8.11
C THR A 832 11.00 -11.61 -7.17
N LYS A 833 11.30 -12.15 -5.99
CA LYS A 833 10.25 -12.44 -5.01
C LYS A 833 9.56 -11.16 -4.56
N PHE A 834 10.35 -10.10 -4.34
CA PHE A 834 9.76 -8.83 -3.92
C PHE A 834 8.79 -8.31 -4.97
N ILE A 835 9.21 -8.26 -6.24
CA ILE A 835 8.33 -7.71 -7.27
C ILE A 835 7.14 -8.64 -7.52
N ALA A 836 7.39 -9.94 -7.58
CA ALA A 836 6.33 -10.89 -7.93
C ALA A 836 5.28 -11.00 -6.82
N GLY A 837 5.68 -10.79 -5.57
CA GLY A 837 4.75 -10.84 -4.46
C GLY A 837 4.01 -9.55 -4.20
N ARG A 838 4.44 -8.45 -4.81
CA ARG A 838 3.91 -7.12 -4.47
C ARG A 838 4.04 -6.89 -2.97
N ILE A 839 5.10 -7.44 -2.38
CA ILE A 839 5.35 -7.39 -0.94
C ILE A 839 5.47 -5.94 -0.50
N ILE A 840 4.51 -5.47 0.28
CA ILE A 840 4.55 -4.11 0.80
C ILE A 840 5.24 -4.13 2.16
N PRO A 841 6.28 -3.32 2.38
CA PRO A 841 7.05 -3.43 3.62
C PRO A 841 6.26 -3.01 4.85
N ALA A 842 6.55 -3.69 5.97
CA ALA A 842 5.96 -3.36 7.27
C ALA A 842 7.06 -3.46 8.32
N ILE A 843 7.51 -2.30 8.82
CA ILE A 843 8.58 -2.26 9.82
C ILE A 843 8.00 -1.74 11.13
N ALA A 844 8.66 -2.12 12.23
CA ALA A 844 8.10 -1.90 13.56
C ALA A 844 8.11 -0.42 13.93
N THR A 845 9.17 0.30 13.57
CA THR A 845 9.28 1.71 13.92
C THR A 845 8.06 2.49 13.46
N THR A 846 7.81 2.50 12.14
CA THR A 846 6.74 3.31 11.59
C THR A 846 5.38 2.87 12.12
N THR A 847 5.18 1.56 12.26
CA THR A 847 3.92 1.03 12.78
C THR A 847 3.63 1.60 14.16
N SER A 848 4.59 1.51 15.08
CA SER A 848 4.39 2.02 16.43
C SER A 848 4.14 3.52 16.42
N LEU A 849 4.92 4.26 15.61
CA LEU A 849 4.79 5.71 15.58
C LEU A 849 3.40 6.14 15.13
N VAL A 850 2.94 5.59 14.00
CA VAL A 850 1.66 6.00 13.45
C VAL A 850 0.53 5.64 14.40
N THR A 851 0.62 4.45 15.02
CA THR A 851 -0.40 4.08 16.00
C THR A 851 -0.41 5.06 17.17
N GLY A 852 0.77 5.52 17.60
CA GLY A 852 0.82 6.51 18.65
C GLY A 852 0.05 7.78 18.28
N LEU A 853 0.27 8.27 17.06
CA LEU A 853 -0.42 9.50 16.64
C LEU A 853 -1.94 9.28 16.60
N VAL A 854 -2.38 8.12 16.14
CA VAL A 854 -3.81 7.84 16.14
C VAL A 854 -4.37 7.93 17.56
N ASN A 855 -3.67 7.33 18.51
CA ASN A 855 -4.14 7.36 19.89
C ASN A 855 -4.09 8.75 20.49
N LEU A 856 -3.29 9.65 19.91
CA LEU A 856 -3.34 11.04 20.36
C LEU A 856 -4.57 11.78 19.83
N GLU A 857 -5.02 11.48 18.61
CA GLU A 857 -6.29 12.10 18.14
C GLU A 857 -7.52 11.50 18.85
N LEU A 858 -7.41 10.24 19.25
CA LEU A 858 -8.49 9.59 20.00
C LEU A 858 -8.96 10.45 21.16
N TYR A 859 -8.02 11.04 21.91
CA TYR A 859 -8.39 11.92 23.01
C TYR A 859 -9.34 13.02 22.56
N LYS A 860 -9.13 13.53 21.34
CA LYS A 860 -10.00 14.59 20.83
C LYS A 860 -11.39 14.05 20.55
N LEU A 861 -11.46 12.79 20.12
CA LEU A 861 -12.80 12.19 19.96
C LEU A 861 -13.51 12.08 21.30
N ILE A 862 -12.79 11.66 22.35
CA ILE A 862 -13.43 11.47 23.66
C ILE A 862 -14.11 12.76 24.12
N ASP A 863 -13.45 13.91 23.91
CA ASP A 863 -14.02 15.21 24.23
C ASP A 863 -15.02 15.70 23.18
N ASN A 864 -15.38 14.84 22.22
CA ASN A 864 -16.34 15.19 21.17
C ASN A 864 -16.06 16.57 20.58
N LYS A 865 -14.79 16.81 20.25
CA LYS A 865 -14.41 18.09 19.68
C LYS A 865 -15.05 18.30 18.31
N THR A 866 -15.41 19.55 18.02
CA THR A 866 -16.00 19.90 16.75
C THR A 866 -15.30 21.06 16.07
N ASP A 867 -14.23 21.59 16.67
CA ASP A 867 -13.37 22.55 15.98
C ASP A 867 -12.38 21.77 15.12
N ILE A 868 -12.46 21.97 13.80
CA ILE A 868 -11.63 21.20 12.89
C ILE A 868 -10.15 21.58 13.03
N GLU A 869 -9.86 22.77 13.56
CA GLU A 869 -8.48 23.18 13.76
C GLU A 869 -7.81 22.39 14.89
N GLN A 870 -8.59 21.75 15.76
CA GLN A 870 -8.03 20.98 16.85
C GLN A 870 -7.46 19.65 16.40
N TYR A 871 -7.94 19.12 15.28
CA TYR A 871 -7.53 17.82 14.80
C TYR A 871 -6.25 17.92 13.97
N LYS A 872 -5.58 16.79 13.83
CA LYS A 872 -4.30 16.72 13.13
C LYS A 872 -4.26 15.46 12.27
N ASN A 873 -4.25 15.64 10.96
CA ASN A 873 -3.82 14.59 10.04
C ASN A 873 -2.31 14.61 9.97
N GLY A 874 -1.69 13.43 10.01
CA GLY A 874 -0.25 13.35 10.13
C GLY A 874 0.39 12.64 8.94
N PHE A 875 1.61 13.08 8.59
CA PHE A 875 2.46 12.37 7.65
C PHE A 875 3.88 12.34 8.19
N VAL A 876 4.56 11.21 7.99
CA VAL A 876 5.94 11.03 8.42
C VAL A 876 6.71 10.32 7.32
N ASN A 877 7.99 10.67 7.20
CA ASN A 877 8.95 9.92 6.40
C ASN A 877 10.20 9.78 7.25
N LEU A 878 10.37 8.62 7.91
CA LEU A 878 11.49 8.45 8.83
C LEU A 878 12.84 8.33 8.12
N ALA A 879 12.87 8.42 6.79
CA ALA A 879 14.13 8.36 6.07
C ALA A 879 14.89 9.68 6.11
N LEU A 880 14.16 10.80 6.20
CA LEU A 880 14.76 12.11 5.97
C LEU A 880 15.39 12.71 7.21
N PRO A 881 14.75 12.69 8.39
CA PRO A 881 13.38 12.34 8.77
C PRO A 881 12.48 13.56 8.66
N PHE A 882 11.20 13.35 8.34
CA PHE A 882 10.25 14.43 8.16
C PHE A 882 9.00 14.12 8.96
N PHE A 883 8.51 15.11 9.71
CA PHE A 883 7.28 15.03 10.46
C PHE A 883 6.42 16.21 10.06
N GLY A 884 5.15 15.96 9.73
CA GLY A 884 4.28 17.05 9.32
C GLY A 884 2.83 16.77 9.67
N PHE A 885 2.10 17.82 10.02
CA PHE A 885 0.71 17.70 10.41
C PHE A 885 -0.10 18.79 9.73
N SER A 886 -1.36 18.46 9.44
CA SER A 886 -2.20 19.29 8.61
C SER A 886 -3.65 19.21 9.09
N GLU A 887 -4.32 20.35 9.04
CA GLU A 887 -5.72 20.42 9.40
C GLU A 887 -6.56 19.54 8.48
N PRO A 888 -7.41 18.67 9.01
CA PRO A 888 -8.27 17.87 8.13
C PRO A 888 -9.08 18.74 7.17
N ILE A 889 -9.47 18.14 6.05
CA ILE A 889 -10.19 18.85 5.01
C ILE A 889 -11.68 18.85 5.35
N ALA A 890 -12.32 20.01 5.26
CA ALA A 890 -13.74 20.11 5.54
C ALA A 890 -14.54 19.37 4.47
N SER A 891 -15.66 18.79 4.89
CA SER A 891 -16.51 18.07 3.96
C SER A 891 -17.07 19.05 2.92
N PRO A 892 -17.08 18.70 1.64
CA PRO A 892 -17.66 19.60 0.64
C PRO A 892 -19.17 19.74 0.85
N LYS A 893 -19.67 20.93 0.51
CA LYS A 893 -21.06 21.29 0.75
C LYS A 893 -21.68 21.89 -0.50
N GLY A 894 -22.98 21.66 -0.67
CA GLY A 894 -23.69 22.15 -1.84
C GLY A 894 -25.03 22.76 -1.51
N GLU A 895 -25.89 22.90 -2.52
CA GLU A 895 -27.15 23.62 -2.39
C GLU A 895 -27.95 23.44 -3.68
N TYR A 896 -29.18 22.93 -3.60
CA TYR A 896 -29.98 22.70 -4.80
C TYR A 896 -31.17 23.63 -4.96
N ASN A 897 -31.91 23.92 -3.90
CA ASN A 897 -33.03 24.87 -3.97
C ASN A 897 -32.90 25.91 -2.87
N ASN A 898 -31.68 26.44 -2.70
CA ASN A 898 -31.30 27.32 -1.60
C ASN A 898 -31.24 26.58 -0.27
N LYS A 899 -31.55 25.28 -0.26
CA LYS A 899 -31.35 24.42 0.92
C LYS A 899 -29.94 23.87 0.83
N LYS A 900 -29.02 24.44 1.62
CA LYS A 900 -27.63 24.00 1.64
C LYS A 900 -27.51 22.69 2.41
N TYR A 901 -26.49 21.90 2.05
CA TYR A 901 -26.36 20.57 2.61
C TYR A 901 -24.92 20.09 2.57
N ASP A 902 -24.65 19.04 3.35
CA ASP A 902 -23.34 18.43 3.49
C ASP A 902 -23.28 17.23 2.54
N LYS A 903 -22.41 17.31 1.53
CA LYS A 903 -22.42 16.29 0.48
C LYS A 903 -21.99 14.93 1.00
N ILE A 904 -21.17 14.88 2.05
CA ILE A 904 -20.69 13.60 2.56
C ILE A 904 -21.68 12.99 3.53
N TRP A 905 -22.13 13.78 4.51
CA TRP A 905 -22.79 13.24 5.70
C TRP A 905 -24.31 13.37 5.68
N ASP A 906 -24.87 14.39 5.04
CA ASP A 906 -26.31 14.58 5.07
C ASP A 906 -27.02 13.55 4.19
N ARG A 907 -28.29 13.30 4.49
CA ARG A 907 -29.11 12.41 3.68
C ARG A 907 -30.59 12.70 3.92
N PHE A 908 -31.42 12.13 3.05
CA PHE A 908 -32.87 12.15 3.24
C PHE A 908 -33.30 10.92 4.04
N ASP A 909 -34.40 11.06 4.78
CA ASP A 909 -34.90 10.00 5.65
C ASP A 909 -36.35 9.74 5.35
N ILE A 910 -36.71 8.46 5.21
CA ILE A 910 -38.08 8.08 4.82
C ILE A 910 -38.54 6.87 5.61
N LYS A 911 -39.73 6.99 6.21
CA LYS A 911 -40.34 5.91 6.98
C LYS A 911 -41.09 4.94 6.08
N GLY A 912 -40.95 3.65 6.36
CA GLY A 912 -41.78 2.64 5.74
C GLY A 912 -41.37 2.28 4.32
N ASP A 913 -41.96 1.18 3.85
CA ASP A 913 -41.63 0.60 2.54
C ASP A 913 -42.42 1.31 1.43
N ILE A 914 -42.14 2.61 1.28
CA ILE A 914 -42.94 3.46 0.42
C ILE A 914 -42.92 2.97 -1.03
N LYS A 915 -44.01 3.23 -1.75
CA LYS A 915 -44.07 2.95 -3.18
C LYS A 915 -43.27 3.98 -3.96
N LEU A 916 -42.79 3.57 -5.14
CA LEU A 916 -41.94 4.44 -5.94
C LEU A 916 -42.66 5.71 -6.37
N SER A 917 -43.94 5.58 -6.73
CA SER A 917 -44.71 6.76 -7.13
C SER A 917 -44.86 7.74 -5.98
N ASP A 918 -45.14 7.24 -4.78
CA ASP A 918 -45.24 8.11 -3.62
C ASP A 918 -43.91 8.81 -3.34
N LEU A 919 -42.80 8.10 -3.55
CA LEU A 919 -41.48 8.70 -3.38
C LEU A 919 -41.29 9.86 -4.36
N ILE A 920 -41.56 9.62 -5.64
CA ILE A 920 -41.40 10.67 -6.65
C ILE A 920 -42.27 11.89 -6.30
N GLU A 921 -43.52 11.63 -5.92
CA GLU A 921 -44.42 12.74 -5.58
C GLU A 921 -43.95 13.49 -4.34
N HIS A 922 -43.50 12.75 -3.33
CA HIS A 922 -42.99 13.35 -2.11
C HIS A 922 -41.83 14.28 -2.40
N PHE A 923 -40.96 13.88 -3.34
CA PHE A 923 -39.83 14.73 -3.66
C PHE A 923 -40.25 15.95 -4.48
N GLU A 924 -41.27 15.80 -5.34
CA GLU A 924 -41.74 16.97 -6.06
C GLU A 924 -42.39 17.99 -5.13
N LYS A 925 -43.11 17.51 -4.11
CA LYS A 925 -43.80 18.41 -3.19
C LYS A 925 -42.86 19.01 -2.15
N ASP A 926 -42.23 18.16 -1.34
CA ASP A 926 -41.48 18.64 -0.18
C ASP A 926 -40.22 19.38 -0.58
N GLU A 927 -39.41 18.77 -1.45
CA GLU A 927 -38.07 19.29 -1.74
C GLU A 927 -37.98 20.01 -3.07
N GLY A 928 -38.94 19.79 -3.98
CA GLY A 928 -38.89 20.41 -5.29
C GLY A 928 -38.09 19.65 -6.32
N LEU A 929 -37.79 18.38 -6.06
CA LEU A 929 -36.87 17.61 -6.89
C LEU A 929 -37.62 16.69 -7.84
N GLU A 930 -37.03 16.46 -9.01
CA GLU A 930 -37.56 15.58 -10.04
C GLU A 930 -36.61 14.41 -10.17
N ILE A 931 -36.94 13.30 -9.49
CA ILE A 931 -36.06 12.14 -9.47
C ILE A 931 -35.88 11.62 -10.88
N THR A 932 -34.63 11.61 -11.35
CA THR A 932 -34.27 11.12 -12.69
C THR A 932 -33.75 9.69 -12.67
N MET A 933 -32.96 9.34 -11.65
CA MET A 933 -32.44 7.98 -11.50
C MET A 933 -32.61 7.55 -10.05
N LEU A 934 -32.81 6.24 -9.84
CA LEU A 934 -32.85 5.66 -8.50
C LEU A 934 -32.29 4.24 -8.55
N SER A 935 -31.34 3.97 -7.65
CA SER A 935 -30.68 2.67 -7.57
C SER A 935 -30.56 2.23 -6.11
N TYR A 936 -30.51 0.90 -5.93
CA TYR A 936 -30.23 0.26 -4.65
C TYR A 936 -29.00 -0.61 -4.83
N GLY A 937 -27.86 -0.16 -4.32
CA GLY A 937 -26.64 -0.91 -4.52
C GLY A 937 -26.30 -0.97 -5.98
N VAL A 938 -26.13 -2.20 -6.50
CA VAL A 938 -25.73 -2.38 -7.89
C VAL A 938 -26.91 -2.38 -8.85
N SER A 939 -28.14 -2.38 -8.33
CA SER A 939 -29.34 -2.54 -9.14
C SER A 939 -29.97 -1.20 -9.45
N LEU A 940 -30.23 -0.96 -10.75
CA LEU A 940 -30.99 0.20 -11.18
C LEU A 940 -32.47 -0.12 -11.03
N LEU A 941 -33.19 0.70 -10.26
CA LEU A 941 -34.61 0.46 -10.02
C LEU A 941 -35.52 1.38 -10.80
N TYR A 942 -35.08 2.59 -11.12
CA TYR A 942 -35.94 3.47 -11.92
C TYR A 942 -35.10 4.52 -12.63
N ALA A 943 -35.51 4.87 -13.86
CA ALA A 943 -34.81 5.85 -14.66
C ALA A 943 -35.81 6.70 -15.42
N SER A 944 -35.44 7.96 -15.63
CA SER A 944 -36.32 8.89 -16.35
C SER A 944 -36.54 8.44 -17.79
N PHE A 945 -35.53 7.84 -18.41
CA PHE A 945 -35.61 7.42 -19.80
C PHE A 945 -36.21 6.03 -19.98
N PHE A 946 -36.57 5.36 -18.88
CA PHE A 946 -37.20 4.06 -19.00
C PHE A 946 -38.44 4.16 -19.88
N PRO A 947 -38.71 3.17 -20.72
CA PRO A 947 -39.87 3.25 -21.63
C PRO A 947 -41.16 2.88 -20.94
N PRO A 948 -42.30 3.42 -21.40
CA PRO A 948 -43.60 3.22 -20.74
C PRO A 948 -43.87 1.85 -20.12
N LYS A 949 -43.83 0.78 -20.90
CA LYS A 949 -44.09 -0.55 -20.35
C LYS A 949 -43.23 -0.78 -19.12
N LYS A 950 -41.96 -0.37 -19.18
CA LYS A 950 -41.06 -0.55 -18.05
C LYS A 950 -41.50 0.31 -16.87
N LEU A 951 -41.78 1.59 -17.12
CA LEU A 951 -42.09 2.51 -16.03
C LEU A 951 -43.34 2.07 -15.25
N LYS A 952 -44.37 1.59 -15.97
CA LYS A 952 -45.64 1.32 -15.30
C LYS A 952 -45.52 0.18 -14.31
N GLU A 953 -44.77 -0.87 -14.65
CA GLU A 953 -44.62 -2.01 -13.75
C GLU A 953 -43.89 -1.66 -12.47
N ARG A 954 -43.11 -0.57 -12.47
CA ARG A 954 -42.27 -0.21 -11.34
C ARG A 954 -42.84 0.94 -10.51
N LEU A 955 -43.39 1.97 -11.16
CA LEU A 955 -43.80 3.18 -10.44
C LEU A 955 -44.73 2.88 -9.28
N ASN A 956 -45.48 1.78 -9.34
CA ASN A 956 -46.47 1.45 -8.32
C ASN A 956 -45.97 0.37 -7.36
N LEU A 957 -44.64 0.13 -7.31
CA LEU A 957 -44.10 -0.94 -6.48
C LEU A 957 -43.46 -0.38 -5.21
N PRO A 958 -43.53 -1.13 -4.12
CA PRO A 958 -42.70 -0.81 -2.95
C PRO A 958 -41.23 -1.13 -3.20
N ILE A 959 -40.35 -0.37 -2.54
CA ILE A 959 -38.92 -0.52 -2.77
C ILE A 959 -38.51 -1.99 -2.63
N THR A 960 -38.96 -2.64 -1.56
CA THR A 960 -38.59 -4.04 -1.34
C THR A 960 -38.99 -4.92 -2.52
N GLN A 961 -40.21 -4.73 -3.03
CA GLN A 961 -40.66 -5.52 -4.17
C GLN A 961 -39.99 -5.06 -5.46
N LEU A 962 -39.76 -3.76 -5.60
CA LEU A 962 -38.98 -3.24 -6.72
C LEU A 962 -37.64 -3.96 -6.84
N VAL A 963 -36.97 -4.12 -5.70
CA VAL A 963 -35.70 -4.84 -5.68
C VAL A 963 -35.93 -6.30 -6.01
N LYS A 964 -37.00 -6.91 -5.47
CA LYS A 964 -37.32 -8.28 -5.83
C LYS A 964 -37.51 -8.45 -7.34
N LEU A 965 -38.05 -7.42 -7.99
CA LEU A 965 -38.30 -7.48 -9.43
C LEU A 965 -37.00 -7.41 -10.21
N VAL A 966 -36.15 -6.44 -9.88
CA VAL A 966 -34.92 -6.25 -10.65
C VAL A 966 -33.93 -7.39 -10.38
N THR A 967 -33.62 -7.63 -9.10
CA THR A 967 -32.66 -8.66 -8.74
C THR A 967 -33.24 -10.07 -8.80
N LYS A 968 -34.56 -10.20 -8.89
CA LYS A 968 -35.20 -11.52 -8.85
C LYS A 968 -34.77 -12.31 -7.63
N LYS A 969 -34.53 -11.60 -6.52
CA LYS A 969 -34.13 -12.18 -5.25
C LYS A 969 -34.69 -11.30 -4.15
N ASP A 970 -35.33 -11.92 -3.16
CA ASP A 970 -35.99 -11.14 -2.11
C ASP A 970 -35.01 -10.74 -1.02
N ILE A 971 -35.41 -9.74 -0.24
CA ILE A 971 -34.55 -9.18 0.81
C ILE A 971 -34.26 -10.24 1.86
N PRO A 972 -33.06 -10.30 2.44
CA PRO A 972 -32.76 -11.36 3.41
C PRO A 972 -33.65 -11.37 4.64
N ALA A 973 -34.26 -10.23 5.01
CA ALA A 973 -35.23 -10.12 6.10
C ALA A 973 -34.58 -9.57 7.37
N HIS A 974 -33.29 -9.83 7.58
CA HIS A 974 -32.58 -9.20 8.68
C HIS A 974 -32.38 -7.70 8.46
N VAL A 975 -32.70 -7.21 7.27
CA VAL A 975 -32.47 -5.82 6.93
C VAL A 975 -33.57 -4.95 7.54
N SER A 976 -33.17 -3.80 8.07
CA SER A 976 -34.09 -2.78 8.54
C SER A 976 -33.98 -1.47 7.79
N THR A 977 -32.86 -1.22 7.12
CA THR A 977 -32.61 0.06 6.46
C THR A 977 -32.06 -0.19 5.06
N MET A 978 -32.23 0.82 4.21
CA MET A 978 -31.86 0.70 2.80
C MET A 978 -31.32 2.03 2.29
N ILE A 979 -30.13 1.99 1.72
CA ILE A 979 -29.56 3.17 1.07
C ILE A 979 -29.98 3.16 -0.39
N LEU A 980 -30.34 4.33 -0.90
CA LEU A 980 -30.74 4.51 -2.29
C LEU A 980 -30.03 5.73 -2.85
N GLU A 981 -29.38 5.55 -4.01
CA GLU A 981 -28.78 6.68 -4.71
C GLU A 981 -29.77 7.20 -5.74
N ILE A 982 -29.71 8.52 -5.99
CA ILE A 982 -30.66 9.17 -6.89
C ILE A 982 -30.00 10.28 -7.69
N CYS A 983 -30.52 10.50 -8.90
CA CYS A 983 -30.25 11.69 -9.69
C CYS A 983 -31.56 12.44 -9.87
N ALA A 984 -31.49 13.77 -9.92
CA ALA A 984 -32.70 14.58 -9.99
C ALA A 984 -32.41 15.96 -10.55
N ASP A 985 -33.47 16.57 -11.09
CA ASP A 985 -33.47 17.96 -11.52
C ASP A 985 -34.20 18.82 -10.48
N ASP A 986 -34.02 20.13 -10.59
CA ASP A 986 -34.53 21.05 -9.58
C ASP A 986 -35.82 21.72 -10.05
N LYS A 987 -36.17 22.85 -9.43
CA LYS A 987 -37.41 23.55 -9.78
C LYS A 987 -37.38 24.13 -11.19
N GLU A 988 -36.20 24.30 -11.77
CA GLU A 988 -36.08 24.81 -13.13
C GLU A 988 -36.15 23.71 -14.18
N GLY A 989 -35.79 22.48 -13.82
CA GLY A 989 -35.67 21.39 -14.76
C GLY A 989 -34.23 21.02 -15.09
N GLU A 990 -33.27 21.78 -14.59
CA GLU A 990 -31.86 21.47 -14.80
C GLU A 990 -31.34 20.60 -13.66
N ASP A 991 -30.25 19.88 -13.96
CA ASP A 991 -29.75 18.87 -13.03
C ASP A 991 -29.09 19.53 -11.82
N VAL A 992 -29.33 18.95 -10.64
CA VAL A 992 -28.68 19.39 -9.41
C VAL A 992 -28.18 18.17 -8.65
N GLU A 993 -27.11 18.38 -7.89
CA GLU A 993 -26.52 17.31 -7.08
C GLU A 993 -27.31 17.17 -5.78
N VAL A 994 -27.47 15.93 -5.33
CA VAL A 994 -28.28 15.66 -4.14
C VAL A 994 -27.74 14.50 -3.32
N PRO A 995 -28.08 14.43 -2.01
CA PRO A 995 -27.61 13.31 -1.18
C PRO A 995 -28.22 11.96 -1.53
N PHE A 996 -28.00 10.98 -0.66
CA PHE A 996 -28.62 9.66 -0.76
C PHE A 996 -29.82 9.60 0.17
N ILE A 997 -30.57 8.51 0.07
CA ILE A 997 -31.84 8.35 0.78
C ILE A 997 -31.75 7.10 1.65
N THR A 998 -32.15 7.23 2.92
CA THR A 998 -32.25 6.10 3.84
C THR A 998 -33.72 5.76 4.03
N ILE A 999 -34.10 4.57 3.57
CA ILE A 999 -35.43 4.01 3.74
C ILE A 999 -35.39 3.13 4.98
N HIS A 1000 -36.14 3.51 6.01
CA HIS A 1000 -36.21 2.71 7.23
C HIS A 1000 -37.43 1.80 7.14
N LEU A 1001 -37.19 0.49 7.13
CA LEU A 1001 -38.29 -0.47 7.01
C LEU A 1001 -39.01 -0.61 8.35
N GLY B 1 -11.56 11.00 -5.56
CA GLY B 1 -12.37 9.76 -5.60
C GLY B 1 -13.77 9.96 -5.05
N MET B 2 -14.76 9.36 -5.69
N MET B 2 -14.76 9.37 -5.71
CA MET B 2 -16.14 9.52 -5.26
CA MET B 2 -16.13 9.48 -5.26
C MET B 2 -16.41 8.71 -4.00
C MET B 2 -16.32 8.79 -3.92
N ALA B 3 -17.38 9.16 -3.22
CA ALA B 3 -17.76 8.46 -2.00
C ALA B 3 -18.57 7.20 -2.28
N SER B 4 -19.18 7.09 -3.46
CA SER B 4 -20.02 5.95 -3.80
C SER B 4 -19.83 5.55 -5.25
N LEU B 5 -19.71 4.25 -5.51
CA LEU B 5 -19.53 3.76 -6.86
C LEU B 5 -20.85 3.81 -7.66
N PRO B 6 -21.94 3.23 -7.13
CA PRO B 6 -23.19 3.27 -7.92
C PRO B 6 -23.69 4.69 -8.21
N LYS B 7 -23.41 5.66 -7.34
CA LYS B 7 -23.79 7.05 -7.62
C LYS B 7 -23.08 7.55 -8.87
N ARG B 8 -21.76 7.39 -8.91
CA ARG B 8 -20.99 7.72 -10.11
C ARG B 8 -21.57 7.05 -11.34
N ILE B 9 -21.88 5.75 -11.23
CA ILE B 9 -22.39 5.02 -12.39
C ILE B 9 -23.71 5.61 -12.86
N ILE B 10 -24.62 5.88 -11.93
CA ILE B 10 -25.89 6.54 -12.24
C ILE B 10 -25.64 7.84 -12.99
N LYS B 11 -24.74 8.67 -12.46
CA LYS B 11 -24.47 9.96 -13.08
C LYS B 11 -23.99 9.80 -14.50
N GLU B 12 -23.19 8.76 -14.77
CA GLU B 12 -22.69 8.56 -16.13
C GLU B 12 -23.76 7.99 -17.05
N THR B 13 -24.61 7.11 -16.54
CA THR B 13 -25.65 6.50 -17.38
C THR B 13 -26.68 7.52 -17.83
N GLU B 14 -27.15 8.34 -16.87
CA GLU B 14 -28.10 9.39 -17.23
C GLU B 14 -27.54 10.25 -18.35
N LYS B 15 -26.27 10.65 -18.24
CA LYS B 15 -25.66 11.51 -19.25
C LYS B 15 -25.36 10.75 -20.54
N LEU B 16 -25.25 9.42 -20.49
CA LEU B 16 -25.04 8.67 -21.73
C LEU B 16 -26.30 8.69 -22.58
N VAL B 17 -27.48 8.58 -21.95
CA VAL B 17 -28.69 8.66 -22.77
C VAL B 17 -29.05 10.12 -23.05
N SER B 18 -28.80 11.02 -22.10
CA SER B 18 -29.11 12.43 -22.29
C SER B 18 -28.27 13.03 -23.39
N ASP B 19 -26.95 12.87 -23.32
CA ASP B 19 -26.01 13.40 -24.31
C ASP B 19 -25.21 12.24 -24.87
N PRO B 20 -25.79 11.46 -25.78
CA PRO B 20 -25.06 10.32 -26.35
C PRO B 20 -23.97 10.76 -27.30
N VAL B 21 -23.05 9.83 -27.55
CA VAL B 21 -21.98 10.03 -28.54
C VAL B 21 -22.43 9.39 -29.84
N PRO B 22 -22.25 10.04 -30.98
CA PRO B 22 -22.75 9.47 -32.24
C PRO B 22 -22.07 8.16 -32.57
N GLY B 23 -22.85 7.23 -33.15
CA GLY B 23 -22.33 5.95 -33.55
C GLY B 23 -22.10 4.97 -32.43
N ILE B 24 -22.34 5.35 -31.18
CA ILE B 24 -22.08 4.51 -30.04
C ILE B 24 -23.32 4.43 -29.17
N THR B 25 -23.62 3.23 -28.68
CA THR B 25 -24.62 3.01 -27.65
C THR B 25 -23.95 2.32 -26.47
N ALA B 26 -24.42 2.63 -25.26
CA ALA B 26 -23.88 2.03 -24.05
C ALA B 26 -24.97 1.99 -23.00
N GLU B 27 -25.37 0.78 -22.61
CA GLU B 27 -26.50 0.61 -21.71
C GLU B 27 -26.19 -0.47 -20.67
N PRO B 28 -26.40 -0.18 -19.39
CA PRO B 28 -26.08 -1.14 -18.34
C PRO B 28 -27.13 -2.23 -18.20
N HIS B 29 -26.76 -3.27 -17.46
CA HIS B 29 -27.70 -4.31 -17.07
C HIS B 29 -28.47 -3.84 -15.83
N ASP B 30 -29.79 -3.96 -15.86
CA ASP B 30 -30.59 -3.49 -14.74
C ASP B 30 -30.15 -4.13 -13.42
N ASP B 31 -29.90 -5.44 -13.44
CA ASP B 31 -29.50 -6.14 -12.22
C ASP B 31 -28.01 -6.07 -11.95
N ASN B 32 -27.26 -5.25 -12.69
CA ASN B 32 -25.85 -5.01 -12.38
C ASN B 32 -25.39 -3.78 -13.15
N LEU B 33 -25.37 -2.63 -12.48
CA LEU B 33 -24.90 -1.40 -13.08
C LEU B 33 -23.41 -1.41 -13.42
N ARG B 34 -22.69 -2.46 -13.04
CA ARG B 34 -21.27 -2.54 -13.35
C ARG B 34 -20.99 -3.20 -14.69
N TYR B 35 -21.95 -3.91 -15.26
CA TYR B 35 -21.83 -4.50 -16.59
C TYR B 35 -22.59 -3.67 -17.61
N PHE B 36 -21.89 -3.24 -18.67
CA PHE B 36 -22.46 -2.49 -19.77
C PHE B 36 -22.38 -3.31 -21.06
N GLN B 37 -23.46 -3.31 -21.82
CA GLN B 37 -23.46 -3.80 -23.19
C GLN B 37 -23.29 -2.61 -24.13
N VAL B 38 -22.41 -2.76 -25.11
CA VAL B 38 -21.97 -1.65 -25.95
C VAL B 38 -22.00 -2.10 -27.40
N THR B 39 -22.31 -1.15 -28.29
CA THR B 39 -22.09 -1.35 -29.71
C THR B 39 -21.48 -0.09 -30.30
N ILE B 40 -20.61 -0.28 -31.28
CA ILE B 40 -19.93 0.80 -31.98
C ILE B 40 -20.06 0.59 -33.48
N GLU B 41 -20.49 1.63 -34.18
CA GLU B 41 -20.54 1.62 -35.63
C GLU B 41 -19.14 1.80 -36.20
N GLY B 42 -18.83 1.07 -37.26
CA GLY B 42 -17.59 1.26 -37.96
C GLY B 42 -17.51 2.65 -38.56
N PRO B 43 -16.41 3.37 -38.32
CA PRO B 43 -16.32 4.75 -38.84
C PRO B 43 -16.37 4.77 -40.36
N GLU B 44 -17.04 5.79 -40.89
CA GLU B 44 -17.15 5.94 -42.34
C GLU B 44 -15.77 6.17 -42.95
N GLN B 45 -15.55 5.61 -44.14
CA GLN B 45 -14.28 5.65 -44.86
C GLN B 45 -13.21 4.78 -44.19
N SER B 46 -13.61 3.70 -43.56
CA SER B 46 -12.69 2.72 -42.98
C SER B 46 -13.11 1.32 -43.37
N PRO B 47 -12.23 0.34 -43.18
CA PRO B 47 -12.61 -1.06 -43.50
C PRO B 47 -13.87 -1.54 -42.81
N TYR B 48 -14.22 -0.96 -41.66
CA TYR B 48 -15.28 -1.48 -40.82
C TYR B 48 -16.61 -0.74 -40.99
N GLU B 49 -16.72 0.12 -42.00
CA GLU B 49 -17.78 1.13 -42.01
C GLU B 49 -19.18 0.54 -42.20
N ASP B 50 -19.31 -0.66 -42.74
CA ASP B 50 -20.61 -1.27 -42.96
C ASP B 50 -21.04 -2.19 -41.81
N GLY B 51 -20.33 -2.16 -40.68
CA GLY B 51 -20.61 -3.07 -39.61
C GLY B 51 -20.94 -2.41 -38.29
N ILE B 52 -21.53 -3.18 -37.38
CA ILE B 52 -21.79 -2.76 -36.00
C ILE B 52 -21.16 -3.81 -35.10
N PHE B 53 -20.38 -3.36 -34.12
CA PHE B 53 -19.54 -4.25 -33.32
C PHE B 53 -19.97 -4.22 -31.87
N GLU B 54 -20.01 -5.39 -31.24
CA GLU B 54 -20.45 -5.56 -29.87
C GLU B 54 -19.26 -5.62 -28.93
N LEU B 55 -19.40 -4.97 -27.77
CA LEU B 55 -18.38 -4.99 -26.74
C LEU B 55 -19.03 -5.13 -25.37
N GLU B 56 -18.38 -5.85 -24.47
CA GLU B 56 -18.70 -5.84 -23.06
C GLU B 56 -17.81 -4.83 -22.35
N LEU B 57 -18.38 -4.10 -21.40
CA LEU B 57 -17.60 -3.22 -20.54
C LEU B 57 -17.94 -3.52 -19.09
N TYR B 58 -16.94 -3.41 -18.22
CA TYR B 58 -17.09 -3.71 -16.80
C TYR B 58 -16.38 -2.65 -15.99
N LEU B 59 -16.95 -2.35 -14.83
CA LEU B 59 -16.34 -1.39 -13.90
C LEU B 59 -15.84 -2.14 -12.68
N PRO B 60 -14.56 -2.04 -12.33
CA PRO B 60 -14.03 -2.79 -11.18
C PRO B 60 -14.39 -2.12 -9.86
N ASP B 61 -14.13 -2.86 -8.78
CA ASP B 61 -14.45 -2.43 -7.44
C ASP B 61 -14.07 -0.97 -7.19
N ASP B 62 -12.88 -0.58 -7.65
CA ASP B 62 -12.31 0.72 -7.32
C ASP B 62 -12.50 1.76 -8.43
N TYR B 63 -13.42 1.52 -9.36
CA TYR B 63 -13.78 2.57 -10.30
C TYR B 63 -14.35 3.74 -9.52
N PRO B 64 -14.03 5.00 -9.88
CA PRO B 64 -13.26 5.52 -11.02
C PRO B 64 -11.78 5.78 -10.76
N MET B 65 -11.25 5.23 -9.66
CA MET B 65 -9.80 5.24 -9.46
C MET B 65 -9.11 4.25 -10.39
N GLU B 66 -9.87 3.34 -11.00
CA GLU B 66 -9.38 2.25 -11.82
C GLU B 66 -10.12 2.31 -13.14
N ALA B 67 -9.40 2.09 -14.25
CA ALA B 67 -10.03 2.23 -15.56
C ALA B 67 -11.00 1.07 -15.81
N PRO B 68 -12.01 1.29 -16.65
CA PRO B 68 -12.91 0.19 -17.00
C PRO B 68 -12.17 -0.95 -17.71
N LYS B 69 -12.80 -2.11 -17.69
CA LYS B 69 -12.38 -3.26 -18.48
C LYS B 69 -13.26 -3.33 -19.72
N VAL B 70 -12.66 -3.64 -20.87
CA VAL B 70 -13.40 -3.69 -22.13
C VAL B 70 -12.96 -4.91 -22.92
N ARG B 71 -13.92 -5.58 -23.55
CA ARG B 71 -13.62 -6.69 -24.44
C ARG B 71 -14.58 -6.69 -25.63
N PHE B 72 -14.00 -6.81 -26.84
CA PHE B 72 -14.82 -7.01 -28.02
C PHE B 72 -15.49 -8.38 -27.98
N LEU B 73 -16.75 -8.43 -28.40
CA LEU B 73 -17.44 -9.69 -28.65
C LEU B 73 -17.44 -10.06 -30.12
N THR B 74 -17.59 -9.07 -31.00
CA THR B 74 -17.55 -9.31 -32.43
C THR B 74 -16.12 -9.63 -32.87
N LYS B 75 -15.98 -10.75 -33.58
CA LYS B 75 -14.70 -11.07 -34.22
C LYS B 75 -14.32 -9.96 -35.19
N ILE B 76 -13.06 -9.54 -35.13
CA ILE B 76 -12.63 -8.35 -35.87
C ILE B 76 -11.16 -8.50 -36.25
N TYR B 77 -10.82 -8.01 -37.45
CA TYR B 77 -9.46 -8.01 -37.96
C TYR B 77 -8.88 -6.62 -37.72
N HIS B 78 -7.94 -6.51 -36.77
CA HIS B 78 -7.43 -5.21 -36.35
C HIS B 78 -6.06 -5.38 -35.74
N PRO B 79 -5.11 -4.48 -36.01
CA PRO B 79 -3.77 -4.64 -35.42
C PRO B 79 -3.75 -4.64 -33.90
N ASN B 80 -4.76 -4.05 -33.25
CA ASN B 80 -4.72 -3.78 -31.82
C ASN B 80 -5.78 -4.53 -31.04
N ILE B 81 -6.55 -5.41 -31.69
CA ILE B 81 -7.56 -6.25 -31.04
C ILE B 81 -7.18 -7.69 -31.34
N ASP B 82 -7.16 -8.53 -30.31
CA ASP B 82 -6.77 -9.92 -30.48
C ASP B 82 -8.01 -10.81 -30.55
N ARG B 83 -7.80 -12.14 -30.56
CA ARG B 83 -8.90 -13.05 -30.85
C ARG B 83 -9.90 -13.13 -29.71
N LEU B 84 -9.49 -12.81 -28.49
CA LEU B 84 -10.35 -12.92 -27.32
C LEU B 84 -11.01 -11.60 -26.96
N GLY B 85 -10.92 -10.59 -27.84
CA GLY B 85 -11.56 -9.31 -27.61
C GLY B 85 -10.72 -8.29 -26.88
N ARG B 86 -9.52 -8.65 -26.44
CA ARG B 86 -8.69 -7.73 -25.68
C ARG B 86 -8.17 -6.62 -26.57
N ILE B 87 -8.07 -5.42 -26.00
CA ILE B 87 -7.69 -4.22 -26.74
C ILE B 87 -6.49 -3.57 -26.05
N CYS B 88 -5.51 -3.15 -26.85
CA CYS B 88 -4.50 -2.20 -26.39
C CYS B 88 -5.00 -0.81 -26.71
N LEU B 89 -5.20 0.01 -25.68
CA LEU B 89 -5.84 1.32 -25.82
C LEU B 89 -5.09 2.29 -24.93
N ASP B 90 -4.58 3.37 -25.54
CA ASP B 90 -3.74 4.30 -24.80
C ASP B 90 -4.46 4.88 -23.58
N VAL B 91 -5.79 4.99 -23.65
CA VAL B 91 -6.55 5.51 -22.52
C VAL B 91 -6.65 4.47 -21.41
N LEU B 92 -6.85 3.20 -21.78
CA LEU B 92 -6.97 2.15 -20.77
C LEU B 92 -5.72 2.05 -19.91
N LYS B 93 -4.55 2.13 -20.55
CA LYS B 93 -3.30 1.87 -19.82
C LYS B 93 -2.88 3.07 -18.98
N THR B 94 -1.95 3.87 -19.51
CA THR B 94 -1.24 4.84 -18.69
C THR B 94 -2.18 5.91 -18.14
N ASN B 95 -3.03 6.48 -19.00
CA ASN B 95 -3.78 7.69 -18.67
C ASN B 95 -5.13 7.31 -18.08
N TRP B 96 -5.23 7.31 -16.75
CA TRP B 96 -6.53 7.18 -16.11
C TRP B 96 -6.61 8.01 -14.83
N SER B 97 -7.80 8.55 -14.59
CA SER B 97 -8.10 9.29 -13.38
C SER B 97 -9.62 9.31 -13.22
N PRO B 98 -10.12 9.74 -12.06
CA PRO B 98 -11.56 10.00 -11.94
C PRO B 98 -12.09 10.99 -12.99
N ALA B 99 -11.22 11.83 -13.54
CA ALA B 99 -11.68 12.82 -14.52
C ALA B 99 -12.17 12.14 -15.80
N LEU B 100 -11.54 11.04 -16.19
CA LEU B 100 -11.97 10.30 -17.37
C LEU B 100 -13.17 9.43 -17.04
N GLN B 101 -13.96 9.10 -18.06
CA GLN B 101 -15.20 8.38 -17.86
C GLN B 101 -15.47 7.43 -19.02
N ILE B 102 -16.48 6.59 -18.86
CA ILE B 102 -16.83 5.58 -19.86
C ILE B 102 -16.90 6.20 -21.24
N ARG B 103 -17.54 7.37 -21.33
CA ARG B 103 -17.60 8.14 -22.58
C ARG B 103 -16.25 8.22 -23.28
N THR B 104 -15.20 8.56 -22.53
CA THR B 104 -13.89 8.76 -23.13
C THR B 104 -13.31 7.44 -23.64
N VAL B 105 -13.56 6.35 -22.92
CA VAL B 105 -13.11 5.04 -23.37
C VAL B 105 -13.76 4.68 -24.71
N LEU B 106 -15.08 4.90 -24.81
CA LEU B 106 -15.78 4.54 -26.04
C LEU B 106 -15.31 5.41 -27.20
N LEU B 107 -15.17 6.72 -26.97
CA LEU B 107 -14.60 7.58 -28.00
C LEU B 107 -13.24 7.07 -28.45
N SER B 108 -12.41 6.63 -27.50
CA SER B 108 -11.08 6.13 -27.85
C SER B 108 -11.15 4.88 -28.70
N ILE B 109 -12.06 3.96 -28.36
CA ILE B 109 -12.17 2.73 -29.15
C ILE B 109 -12.62 3.05 -30.57
N GLN B 110 -13.69 3.86 -30.67
CA GLN B 110 -14.15 4.33 -31.97
C GLN B 110 -13.00 4.90 -32.80
N ALA B 111 -12.13 5.69 -32.16
CA ALA B 111 -11.02 6.28 -32.88
C ALA B 111 -9.96 5.25 -33.26
N LEU B 112 -9.76 4.24 -32.41
CA LEU B 112 -8.84 3.15 -32.77
C LEU B 112 -9.32 2.42 -34.01
N LEU B 113 -10.65 2.25 -34.13
CA LEU B 113 -11.20 1.66 -35.35
C LEU B 113 -10.96 2.57 -36.55
N ALA B 114 -11.17 3.88 -36.38
CA ALA B 114 -10.93 4.79 -37.49
C ALA B 114 -9.46 4.78 -37.92
N SER B 115 -8.55 4.67 -36.96
CA SER B 115 -7.12 4.90 -37.19
C SER B 115 -6.30 3.83 -36.49
N PRO B 116 -6.25 2.61 -37.03
CA PRO B 116 -5.52 1.53 -36.38
C PRO B 116 -4.04 1.85 -36.24
N ASN B 117 -3.39 1.16 -35.30
CA ASN B 117 -2.00 1.44 -34.94
C ASN B 117 -1.19 0.15 -34.91
N PRO B 118 -0.74 -0.33 -36.08
CA PRO B 118 0.13 -1.51 -36.09
C PRO B 118 1.53 -1.23 -35.55
N ASN B 119 1.91 0.05 -35.42
CA ASN B 119 3.22 0.37 -34.85
C ASN B 119 3.34 -0.09 -33.41
N ASP B 120 2.22 -0.17 -32.69
CA ASP B 120 2.16 -0.66 -31.32
C ASP B 120 1.19 -1.82 -31.26
N PRO B 121 1.56 -2.97 -31.81
CA PRO B 121 0.59 -4.03 -32.10
C PRO B 121 0.30 -4.97 -30.94
N LEU B 122 -0.91 -5.52 -30.98
CA LEU B 122 -1.32 -6.60 -30.08
C LEU B 122 -1.46 -7.92 -30.82
N ALA B 123 -2.14 -7.91 -31.97
CA ALA B 123 -2.28 -9.08 -32.83
C ALA B 123 -1.15 -9.02 -33.85
N ASN B 124 -0.03 -9.69 -33.54
CA ASN B 124 1.20 -9.48 -34.28
C ASN B 124 1.06 -9.88 -35.75
N ASP B 125 0.28 -10.91 -36.05
CA ASP B 125 0.05 -11.30 -37.44
C ASP B 125 -0.65 -10.18 -38.21
N VAL B 126 -1.76 -9.68 -37.66
CA VAL B 126 -2.49 -8.60 -38.31
C VAL B 126 -1.61 -7.37 -38.47
N ALA B 127 -0.70 -7.14 -37.52
CA ALA B 127 0.22 -6.01 -37.63
C ALA B 127 1.18 -6.21 -38.79
N GLU B 128 1.77 -7.39 -38.91
CA GLU B 128 2.62 -7.68 -40.07
C GLU B 128 1.86 -7.44 -41.35
N ASP B 129 0.66 -8.02 -41.45
CA ASP B 129 -0.16 -7.84 -42.65
C ASP B 129 -0.38 -6.36 -42.94
N TRP B 130 -0.64 -5.57 -41.89
CA TRP B 130 -0.97 -4.16 -42.08
C TRP B 130 0.25 -3.35 -42.51
N ILE B 131 1.43 -3.71 -42.03
CA ILE B 131 2.64 -2.95 -42.37
C ILE B 131 3.16 -3.35 -43.74
N LYS B 132 3.28 -4.66 -44.00
CA LYS B 132 3.84 -5.14 -45.25
C LYS B 132 2.82 -5.18 -46.37
N ASN B 133 1.55 -5.41 -46.06
CA ASN B 133 0.52 -5.77 -47.03
C ASN B 133 -0.75 -4.99 -46.73
N GLU B 134 -0.62 -3.67 -46.67
CA GLU B 134 -1.65 -2.83 -46.08
C GLU B 134 -2.99 -2.99 -46.79
N GLN B 135 -3.03 -2.74 -48.10
CA GLN B 135 -4.30 -2.81 -48.83
C GLN B 135 -4.95 -4.18 -48.69
N GLY B 136 -4.15 -5.24 -48.72
CA GLY B 136 -4.72 -6.57 -48.52
C GLY B 136 -5.26 -6.76 -47.13
N ALA B 137 -4.53 -6.29 -46.11
CA ALA B 137 -5.01 -6.40 -44.74
C ALA B 137 -6.32 -5.66 -44.55
N LYS B 138 -6.37 -4.42 -45.05
CA LYS B 138 -7.61 -3.66 -45.05
C LYS B 138 -8.75 -4.44 -45.69
N ALA B 139 -8.46 -5.09 -46.83
CA ALA B 139 -9.49 -5.85 -47.52
C ALA B 139 -9.98 -7.01 -46.67
N LYS B 140 -9.05 -7.67 -45.97
CA LYS B 140 -9.47 -8.74 -45.05
C LYS B 140 -10.32 -8.17 -43.93
N ALA B 141 -10.01 -6.95 -43.47
CA ALA B 141 -10.82 -6.30 -42.45
C ALA B 141 -12.24 -6.04 -42.98
N ARG B 142 -12.35 -5.63 -44.24
CA ARG B 142 -13.67 -5.44 -44.85
C ARG B 142 -14.44 -6.75 -44.90
N GLU B 143 -13.80 -7.79 -45.45
CA GLU B 143 -14.43 -9.10 -45.54
C GLU B 143 -14.93 -9.54 -44.18
N TRP B 144 -14.07 -9.45 -43.16
CA TRP B 144 -14.46 -9.86 -41.81
C TRP B 144 -15.60 -8.99 -41.29
N THR B 145 -15.60 -7.70 -41.62
CA THR B 145 -16.69 -6.83 -41.17
C THR B 145 -18.03 -7.38 -41.64
N LYS B 146 -18.18 -7.59 -42.94
CA LYS B 146 -19.46 -8.09 -43.42
C LYS B 146 -19.69 -9.54 -43.01
N LEU B 147 -18.62 -10.29 -42.76
CA LEU B 147 -18.75 -11.70 -42.43
C LEU B 147 -19.24 -11.91 -41.01
N TYR B 148 -18.72 -11.15 -40.05
CA TYR B 148 -18.93 -11.40 -38.63
C TYR B 148 -19.70 -10.29 -37.91
N ALA B 149 -19.51 -9.03 -38.29
CA ALA B 149 -20.28 -7.95 -37.69
C ALA B 149 -21.71 -7.95 -38.24
N LYS B 150 -22.60 -7.31 -37.49
CA LYS B 150 -23.96 -7.11 -37.95
C LYS B 150 -24.02 -5.89 -38.86
N LYS B 151 -24.99 -5.90 -39.77
CA LYS B 151 -25.11 -4.83 -40.76
C LYS B 151 -25.80 -3.62 -40.15
N LYS B 152 -25.50 -2.45 -40.72
CA LYS B 152 -26.13 -1.20 -40.31
C LYS B 152 -27.55 -1.11 -40.85
N PRO B 153 -28.38 -0.21 -40.30
CA PRO B 153 -29.74 -0.03 -40.84
C PRO B 153 -29.75 0.29 -42.33
C1 GOL C . 18.66 16.16 26.75
O1 GOL C . 18.23 15.09 25.95
C2 GOL C . 17.56 17.23 26.65
O2 GOL C . 16.33 16.75 27.06
C3 GOL C . 18.06 18.40 27.53
O3 GOL C . 16.92 19.01 28.07
H11 GOL C . 19.50 16.53 26.47
H12 GOL C . 18.78 15.91 27.68
HO1 GOL C . 17.54 15.35 25.53
H2 GOL C . 17.45 17.53 25.74
HO2 GOL C . 16.04 17.27 27.66
H31 GOL C . 18.59 19.00 26.99
H32 GOL C . 18.67 18.05 28.19
HO3 GOL C . 16.47 19.30 27.42
C1 GOL D . -26.65 -3.03 -0.79
O1 GOL D . -26.88 -4.08 -1.69
C2 GOL D . -26.71 -3.63 0.63
O2 GOL D . -26.21 -4.92 0.66
C3 GOL D . -25.88 -2.67 1.50
O3 GOL D . -26.40 -1.38 1.30
H11 GOL D . -27.31 -2.33 -0.87
H12 GOL D . -25.79 -2.60 -0.92
HO1 GOL D . -26.62 -4.80 -1.29
H2 GOL D . -27.63 -3.68 0.93
HO2 GOL D . -26.14 -5.16 1.48
H31 GOL D . -24.94 -2.74 1.23
H32 GOL D . -25.91 -2.96 2.42
HO3 GOL D . -26.03 -0.87 1.87
C1 GOL E . -29.94 6.59 10.56
O1 GOL E . -29.80 7.27 9.35
C2 GOL E . -29.82 5.10 10.25
O2 GOL E . -28.52 4.64 10.36
C3 GOL E . -30.77 4.40 11.24
O3 GOL E . -30.62 3.02 11.05
H11 GOL E . -30.79 6.77 11.00
H12 GOL E . -29.25 6.84 11.21
HO1 GOL E . -29.83 8.10 9.53
H2 GOL E . -30.10 4.91 9.34
HO2 GOL E . -28.54 3.88 10.73
H31 GOL E . -31.68 4.71 11.08
H32 GOL E . -30.56 4.69 12.14
HO3 GOL E . -31.16 2.63 11.58
C1 GOL F . 9.42 15.20 1.66
O1 GOL F . 9.70 16.29 2.50
C2 GOL F . 8.28 14.40 2.32
O2 GOL F . 7.19 15.20 2.60
C3 GOL F . 7.92 13.30 1.29
O3 GOL F . 8.54 12.11 1.74
H11 GOL F . 10.20 14.62 1.54
H12 GOL F . 9.15 15.47 0.77
HO1 GOL F . 8.96 16.53 2.85
H2 GOL F . 8.57 14.03 3.16
HO2 GOL F . 6.59 14.72 2.95
H31 GOL F . 8.22 13.57 0.42
H32 GOL F . 6.96 13.23 1.23
HO3 GOL F . 7.98 11.71 2.22
C1 GOL G . -23.17 6.11 0.38
O1 GOL G . -23.51 7.40 -0.03
C2 GOL G . -22.29 6.25 1.63
O2 GOL G . -21.86 7.55 1.84
C3 GOL G . -23.14 5.73 2.80
O3 GOL G . -23.04 4.34 2.79
H11 GOL G . -22.69 5.61 -0.30
H12 GOL G . -23.94 5.56 0.60
HO1 GOL G . -23.07 7.94 0.46
H2 GOL G . -21.47 5.71 1.52
HO2 GOL G . -21.33 7.55 2.49
H31 GOL G . -24.05 6.05 2.68
H32 GOL G . -22.83 6.14 3.62
HO3 GOL G . -23.40 4.06 3.50
C1 GOL H . 12.78 7.74 36.23
O1 GOL H . 12.79 9.13 36.33
C2 GOL H . 13.10 7.19 37.65
O2 GOL H . 12.12 6.32 38.11
C3 GOL H . 14.46 6.47 37.51
O3 GOL H . 15.45 7.45 37.63
H11 GOL H . 13.42 7.40 35.61
H12 GOL H . 11.91 7.39 35.95
HO1 GOL H . 12.28 9.43 35.72
H2 GOL H . 13.16 7.93 38.26
HO2 GOL H . 12.36 6.07 38.89
H31 GOL H . 14.48 5.99 36.66
H32 GOL H . 14.52 5.78 38.19
HO3 GOL H . 16.19 7.05 37.68
C1 GOL I . -14.31 2.59 35.87
O1 GOL I . -14.92 3.84 36.02
C2 GOL I . -15.26 1.54 36.47
O2 GOL I . -16.54 1.66 35.95
C3 GOL I . -14.64 0.18 36.11
O3 GOL I . -14.34 -0.46 37.33
H11 GOL I . -13.45 2.55 36.33
H12 GOL I . -14.12 2.36 34.95
HO1 GOL I . -15.77 3.71 35.95
H2 GOL I . -15.33 1.65 37.43
HO2 GOL I . -17.01 1.02 36.25
H31 GOL I . -13.86 0.33 35.56
H32 GOL I . -15.25 -0.32 35.56
HO3 GOL I . -14.09 -1.26 37.13
C1 GOL J . 29.04 7.88 34.51
O1 GOL J . 28.20 8.04 33.41
C2 GOL J . 28.28 8.45 35.72
O2 GOL J . 27.09 7.78 35.93
C3 GOL J . 29.25 8.30 36.92
O3 GOL J . 28.90 9.30 37.85
H11 GOL J . 29.88 8.34 34.42
H12 GOL J . 29.27 6.95 34.69
HO1 GOL J . 28.62 7.70 32.74
H2 GOL J . 28.06 9.38 35.58
HO2 GOL J . 26.87 7.40 35.20
H31 GOL J . 30.17 8.38 36.59
H32 GOL J . 29.17 7.41 37.27
HO3 GOL J . 29.42 9.22 38.51
C1 GOL K . -1.02 -15.09 -11.96
O1 GOL K . -0.38 -16.33 -11.85
C2 GOL K . -0.53 -14.42 -13.26
O2 GOL K . -1.53 -14.40 -14.22
C3 GOL K . -0.08 -13.01 -12.87
O3 GOL K . 0.69 -12.51 -13.94
H11 GOL K . -0.83 -14.50 -11.21
H12 GOL K . -1.99 -15.16 -11.98
HO1 GOL K . -0.98 -16.91 -11.71
H2 GOL K . 0.21 -14.93 -13.64
HO2 GOL K . -1.25 -13.94 -14.88
H31 GOL K . 0.42 -13.05 -12.04
H32 GOL K . -0.86 -12.47 -12.68
HO3 GOL K . 0.95 -11.74 -13.71
C1 GOL L . -36.58 8.60 9.64
O1 GOL L . -36.46 9.75 10.42
C2 GOL L . -37.34 7.56 10.47
O2 GOL L . -37.86 6.55 9.67
C3 GOL L . -36.32 7.00 11.48
O3 GOL L . -36.80 5.75 11.89
H11 GOL L . -35.71 8.23 9.38
H12 GOL L . -37.04 8.75 8.81
HO1 GOL L . -36.35 10.40 9.88
H2 GOL L . -38.09 7.97 10.93
HO2 GOL L . -37.62 6.69 8.87
H31 GOL L . -36.22 7.64 12.21
H32 GOL L . -35.45 6.97 11.05
HO3 GOL L . -37.29 5.46 11.26
C1 GOL M . -11.35 -8.28 5.78
O1 GOL M . -10.68 -7.53 4.80
C2 GOL M . -10.88 -7.77 7.15
O2 GOL M . -11.93 -7.25 7.90
C3 GOL M . -10.21 -8.97 7.85
O3 GOL M . -11.20 -9.66 8.56
H11 GOL M . -11.17 -9.23 5.71
H12 GOL M . -12.31 -8.19 5.71
HO1 GOL M . -11.00 -7.76 4.05
H2 GOL M . -10.23 -7.05 7.04
HO2 GOL M . -12.42 -7.91 8.14
H31 GOL M . -9.48 -8.65 8.41
H32 GOL M . -9.77 -9.52 7.18
HO3 GOL M . -11.29 -9.25 9.31
CL CL N . 17.80 1.15 9.20
CL CL O . 28.21 19.52 -11.73
CL CL P . 14.63 12.89 35.56
CL CL Q . -9.45 5.17 36.03
C1 GOL R . -4.32 -3.14 -22.05
O1 GOL R . -5.63 -2.90 -21.62
C2 GOL R . -3.68 -1.77 -22.32
O2 GOL R . -4.61 -0.86 -22.81
C3 GOL R . -2.55 -2.03 -23.34
O3 GOL R . -2.22 -0.79 -23.92
H11 GOL R . -4.29 -3.68 -22.87
H12 GOL R . -3.79 -3.63 -21.40
HO1 GOL R . -5.85 -2.14 -21.91
H2 GOL R . -3.33 -1.40 -21.49
HO2 GOL R . -4.19 -0.13 -22.98
H31 GOL R . -2.84 -2.70 -23.98
H32 GOL R . -1.80 -2.44 -22.87
HO3 GOL R . -1.54 -0.92 -24.41
#